data_4XK1
#
_entry.id   4XK1
#
_cell.length_a   72.220
_cell.length_b   72.220
_cell.length_c   268.480
_cell.angle_alpha   90.000
_cell.angle_beta   90.000
_cell.angle_gamma   120.000
#
_symmetry.space_group_name_H-M   'P 32 2 1'
#
loop_
_entity.id
_entity.type
_entity.pdbx_description
1 polymer 'Phosphoserine aminotransferase'
2 non-polymer 'FORMIC ACID'
3 non-polymer 'GLUTAMIC ACID'
4 water water
#
_entity_poly.entity_id   1
_entity_poly.type   'polypeptide(L)'
_entity_poly.pdbx_seq_one_letter_code
;MAHHHHHHMSKRAFNFCAGPAALPDAVLQRAQAELLDWRGKGLSVMEMSHRSDDYVAIASKAEQDLRDLLDIPSDYKVLF
LQGGASQQFAEIPLNLLPEDGVADYIDTGIWSKKAIEEARRYGTVNVAASAKEYDYFAIPGQNEWTLTKDAAYVHYASNE
TIGGLEFDWIPETGDVPLVTDMSSDILSRPLDVSRFGLIYAGAQ(LLP)NIGPSGLVVVIVREDLLGRARSVCPTMLNYK
TAADNGSMYNTPATYSWYLSGLVFEWLKEQGGVTAMEQRNRAKKDLLYKTIDASDFYTNPIQPSARSWMNVPFRLADERL
DKPFLEGAEARGLLNLKGHRSVGGMRASIYNALGLDAVEALVAYMAEFEKEHG
;
_entity_poly.pdbx_strand_id   A,B
#
loop_
_chem_comp.id
_chem_comp.type
_chem_comp.name
_chem_comp.formula
FMT non-polymer 'FORMIC ACID' 'C H2 O2'
#
# COMPACT_ATOMS: atom_id res chain seq x y z
N PHE A 14 16.08 2.16 -21.61
CA PHE A 14 14.85 2.70 -22.22
C PHE A 14 13.66 1.78 -22.01
N ASN A 15 12.87 2.08 -20.98
CA ASN A 15 11.81 1.19 -20.52
C ASN A 15 10.43 1.74 -20.85
N PHE A 16 9.76 1.13 -21.80
CA PHE A 16 8.49 1.61 -22.33
C PHE A 16 7.28 0.96 -21.65
N CYS A 17 7.50 0.30 -20.52
CA CYS A 17 6.44 -0.38 -19.79
C CYS A 17 5.30 0.51 -19.36
N ALA A 18 4.07 0.03 -19.53
CA ALA A 18 2.86 0.81 -19.23
C ALA A 18 2.55 0.98 -17.73
N GLY A 19 3.18 0.17 -16.87
CA GLY A 19 2.89 0.27 -15.45
C GLY A 19 3.02 -1.01 -14.64
N PRO A 20 3.82 -0.99 -13.56
CA PRO A 20 4.65 0.11 -13.03
C PRO A 20 5.61 0.66 -14.06
N ALA A 21 5.85 1.96 -13.97
CA ALA A 21 6.60 2.65 -15.00
C ALA A 21 8.03 2.94 -14.57
N ALA A 22 8.82 3.36 -15.54
CA ALA A 22 10.18 3.79 -15.30
C ALA A 22 10.20 4.99 -14.35
N LEU A 23 11.16 4.97 -13.43
CA LEU A 23 11.43 6.13 -12.61
C LEU A 23 12.64 6.85 -13.17
N PRO A 24 12.71 8.16 -12.97
CA PRO A 24 13.90 8.85 -13.49
C PRO A 24 15.14 8.31 -12.80
N ASP A 25 16.22 8.11 -13.56
CA ASP A 25 17.50 7.66 -13.01
C ASP A 25 17.88 8.45 -11.77
N ALA A 26 17.79 9.76 -11.88
CA ALA A 26 18.18 10.67 -10.82
C ALA A 26 17.42 10.37 -9.52
N VAL A 27 16.15 9.99 -9.63
CA VAL A 27 15.37 9.69 -8.45
C VAL A 27 15.88 8.41 -7.78
N LEU A 28 16.09 7.36 -8.57
CA LEU A 28 16.62 6.12 -8.04
C LEU A 28 18.06 6.29 -7.49
N GLN A 29 18.91 7.02 -8.20
CA GLN A 29 20.26 7.29 -7.69
C GLN A 29 20.19 7.97 -6.33
N ARG A 30 19.27 8.91 -6.20
CA ARG A 30 19.15 9.66 -4.96
C ARG A 30 18.66 8.77 -3.82
N ALA A 31 17.61 8.01 -4.07
CA ALA A 31 17.08 7.10 -3.07
C ALA A 31 18.13 6.09 -2.66
N GLN A 32 18.90 5.63 -3.65
CA GLN A 32 19.92 4.63 -3.39
C GLN A 32 21.00 5.18 -2.47
N ALA A 33 21.55 6.35 -2.84
CA ALA A 33 22.65 6.93 -2.09
C ALA A 33 22.33 7.14 -0.61
N GLU A 34 21.07 7.44 -0.29
CA GLU A 34 20.76 7.73 1.09
C GLU A 34 19.90 6.64 1.73
N LEU A 35 19.87 5.45 1.14
CA LEU A 35 18.96 4.40 1.60
C LEU A 35 19.31 3.92 3.03
N LEU A 36 20.59 3.92 3.39
CA LEU A 36 21.01 3.44 4.71
C LEU A 36 21.05 4.54 5.77
N ASP A 37 21.17 5.77 5.32
CA ASP A 37 21.55 6.86 6.21
C ASP A 37 21.06 8.21 5.68
N TRP A 38 19.77 8.47 5.86
CA TRP A 38 19.11 9.67 5.31
C TRP A 38 19.62 10.92 6.00
N ARG A 39 20.23 11.82 5.23
CA ARG A 39 20.77 13.07 5.77
C ARG A 39 21.76 12.86 6.92
N GLY A 40 22.39 11.70 6.96
CA GLY A 40 23.38 11.41 7.98
C GLY A 40 22.81 11.16 9.36
N LYS A 41 21.51 10.88 9.45
CA LYS A 41 20.88 10.61 10.75
C LYS A 41 21.10 9.17 11.29
N GLY A 42 21.60 8.26 10.45
CA GLY A 42 21.90 6.91 10.90
C GLY A 42 20.76 5.93 10.64
N LEU A 43 19.74 6.42 9.94
CA LEU A 43 18.47 5.72 9.76
C LEU A 43 18.08 5.69 8.30
N SER A 44 17.49 4.59 7.83
CA SER A 44 16.78 4.61 6.57
C SER A 44 15.44 5.31 6.77
N VAL A 45 14.92 5.95 5.73
CA VAL A 45 13.54 6.41 5.73
C VAL A 45 12.61 5.20 6.03
N MET A 46 12.98 4.01 5.56
CA MET A 46 12.24 2.78 5.89
C MET A 46 12.17 2.47 7.36
N GLU A 47 13.18 2.91 8.11
CA GLU A 47 13.26 2.64 9.54
C GLU A 47 12.61 3.76 10.37
N MET A 48 12.12 4.81 9.71
CA MET A 48 11.55 5.94 10.42
C MET A 48 10.14 5.71 10.89
N SER A 49 9.83 6.16 12.10
CA SER A 49 8.44 6.21 12.53
C SER A 49 7.75 7.29 11.71
N HIS A 50 6.54 7.02 11.25
CA HIS A 50 5.81 8.01 10.48
C HIS A 50 5.33 9.19 11.36
N ARG A 51 5.47 9.05 12.67
CA ARG A 51 5.16 10.13 13.59
C ARG A 51 6.39 10.92 14.00
N SER A 52 7.57 10.49 13.57
CA SER A 52 8.77 11.26 13.88
C SER A 52 8.77 12.61 13.17
N ASP A 53 9.46 13.58 13.75
CA ASP A 53 9.62 14.89 13.13
C ASP A 53 10.20 14.82 11.73
N ASP A 54 11.20 13.96 11.55
CA ASP A 54 11.81 13.80 10.25
C ASP A 54 10.80 13.29 9.23
N TYR A 55 10.02 12.28 9.59
CA TYR A 55 9.12 11.71 8.58
C TYR A 55 7.98 12.69 8.30
N VAL A 56 7.48 13.36 9.34
CA VAL A 56 6.41 14.33 9.17
C VAL A 56 6.83 15.41 8.18
N ALA A 57 8.06 15.90 8.32
CA ALA A 57 8.59 16.92 7.41
C ALA A 57 8.72 16.39 5.99
N ILE A 58 9.16 15.15 5.83
CA ILE A 58 9.18 14.54 4.50
C ILE A 58 7.78 14.44 3.86
N ALA A 59 6.82 13.96 4.64
CA ALA A 59 5.44 13.81 4.17
C ALA A 59 4.80 15.16 3.86
N SER A 60 4.98 16.14 4.74
CA SER A 60 4.36 17.43 4.57
C SER A 60 4.95 18.12 3.36
N LYS A 61 6.23 17.88 3.09
CA LYS A 61 6.89 18.49 1.95
C LYS A 61 6.42 17.85 0.64
N ALA A 62 6.27 16.53 0.63
CA ALA A 62 5.69 15.86 -0.55
C ALA A 62 4.30 16.42 -0.90
N GLU A 63 3.43 16.56 0.12
CA GLU A 63 2.12 17.14 -0.09
C GLU A 63 2.25 18.56 -0.67
N GLN A 64 3.10 19.38 -0.06
CA GLN A 64 3.22 20.76 -0.52
C GLN A 64 3.78 20.82 -1.92
N ASP A 65 4.74 19.95 -2.22
CA ASP A 65 5.36 20.01 -3.55
C ASP A 65 4.31 19.62 -4.61
N LEU A 66 3.42 18.68 -4.25
CA LEU A 66 2.35 18.30 -5.15
C LEU A 66 1.36 19.44 -5.37
N ARG A 67 1.01 20.16 -4.31
CA ARG A 67 0.15 21.33 -4.45
C ARG A 67 0.81 22.36 -5.37
N ASP A 68 2.11 22.57 -5.18
CA ASP A 68 2.86 23.50 -6.03
C ASP A 68 2.88 23.09 -7.49
N LEU A 69 3.16 21.82 -7.77
CA LEU A 69 3.25 21.34 -9.14
C LEU A 69 1.96 21.61 -9.88
N LEU A 70 0.84 21.19 -9.31
CA LEU A 70 -0.46 21.28 -9.98
C LEU A 70 -1.26 22.54 -9.63
N ASP A 71 -0.71 23.42 -8.79
CA ASP A 71 -1.41 24.62 -8.33
C ASP A 71 -2.78 24.20 -7.76
N ILE A 72 -2.73 23.29 -6.80
CA ILE A 72 -3.92 22.82 -6.13
C ILE A 72 -4.44 23.90 -5.19
N PRO A 73 -5.72 24.26 -5.32
CA PRO A 73 -6.30 25.26 -4.41
C PRO A 73 -6.35 24.75 -2.97
N SER A 74 -6.43 25.67 -2.01
CA SER A 74 -6.33 25.33 -0.60
C SER A 74 -7.57 24.62 -0.08
N ASP A 75 -8.69 24.69 -0.81
CA ASP A 75 -9.89 24.00 -0.37
C ASP A 75 -9.98 22.59 -0.95
N TYR A 76 -8.84 22.06 -1.38
CA TYR A 76 -8.74 20.64 -1.71
C TYR A 76 -7.85 19.94 -0.70
N LYS A 77 -8.24 18.73 -0.29
CA LYS A 77 -7.36 17.87 0.48
C LYS A 77 -6.52 17.09 -0.49
N VAL A 78 -5.29 16.79 -0.10
CA VAL A 78 -4.45 15.94 -0.90
C VAL A 78 -4.12 14.72 -0.05
N LEU A 79 -4.57 13.54 -0.49
CA LEU A 79 -4.42 12.33 0.34
C LEU A 79 -3.40 11.36 -0.24
N PHE A 80 -2.60 10.73 0.62
CA PHE A 80 -1.69 9.68 0.18
C PHE A 80 -2.15 8.36 0.76
N LEU A 81 -2.82 7.56 -0.06
CA LEU A 81 -3.49 6.35 0.40
C LEU A 81 -2.81 5.14 -0.20
N GLN A 82 -3.32 3.97 0.13
CA GLN A 82 -2.77 2.71 -0.34
C GLN A 82 -3.89 1.96 -1.01
N GLY A 83 -3.56 0.85 -1.65
CA GLY A 83 -4.56 0.00 -2.26
C GLY A 83 -4.66 0.11 -3.77
N GLY A 84 -3.89 1.01 -4.37
CA GLY A 84 -3.90 1.13 -5.83
C GLY A 84 -5.11 1.88 -6.30
N ALA A 85 -5.11 2.30 -7.57
CA ALA A 85 -6.26 2.99 -8.12
C ALA A 85 -7.51 2.10 -8.07
N SER A 86 -7.36 0.79 -8.19
CA SER A 86 -8.52 -0.11 -8.15
C SER A 86 -9.32 0.03 -6.85
N GLN A 87 -8.65 0.33 -5.75
CA GLN A 87 -9.37 0.44 -4.50
C GLN A 87 -10.23 1.70 -4.55
N GLN A 88 -9.79 2.70 -5.30
CA GLN A 88 -10.61 3.89 -5.43
C GLN A 88 -11.95 3.60 -6.11
N PHE A 89 -12.01 2.52 -6.87
CA PHE A 89 -13.25 2.19 -7.60
C PHE A 89 -14.38 1.92 -6.59
N ALA A 90 -13.99 1.48 -5.40
CA ALA A 90 -14.93 1.28 -4.30
C ALA A 90 -14.98 2.52 -3.39
N GLU A 91 -13.82 3.12 -3.09
CA GLU A 91 -13.74 4.27 -2.18
C GLU A 91 -14.57 5.46 -2.68
N ILE A 92 -14.56 5.70 -3.98
CA ILE A 92 -15.29 6.83 -4.55
C ILE A 92 -16.79 6.75 -4.26
N PRO A 93 -17.48 5.65 -4.67
CA PRO A 93 -18.90 5.62 -4.32
C PRO A 93 -19.17 5.45 -2.83
N LEU A 94 -18.27 4.76 -2.11
CA LEU A 94 -18.44 4.64 -0.66
C LEU A 94 -18.50 6.00 0.03
N ASN A 95 -17.70 6.94 -0.45
CA ASN A 95 -17.63 8.28 0.10
C ASN A 95 -18.60 9.30 -0.53
N LEU A 96 -18.85 9.16 -1.84
CA LEU A 96 -19.52 10.21 -2.62
C LEU A 96 -20.86 9.87 -3.23
N LEU A 97 -21.29 8.62 -3.12
CA LEU A 97 -22.55 8.18 -3.72
C LEU A 97 -23.58 7.80 -2.65
N PRO A 98 -24.56 8.68 -2.38
CA PRO A 98 -25.61 8.38 -1.39
C PRO A 98 -26.34 7.11 -1.76
N GLU A 99 -26.75 6.32 -0.77
CA GLU A 99 -27.28 4.98 -0.98
C GLU A 99 -28.42 4.91 -2.01
N ASP A 100 -29.21 5.97 -2.14
CA ASP A 100 -30.31 5.94 -3.09
C ASP A 100 -30.04 6.76 -4.35
N GLY A 101 -28.84 7.34 -4.44
CA GLY A 101 -28.48 8.20 -5.55
C GLY A 101 -28.10 7.49 -6.85
N VAL A 102 -27.66 8.30 -7.80
CA VAL A 102 -27.21 7.81 -9.10
C VAL A 102 -25.84 8.41 -9.40
N ALA A 103 -24.93 7.59 -9.91
CA ALA A 103 -23.66 8.09 -10.38
C ALA A 103 -23.58 7.95 -11.90
N ASP A 104 -23.10 9.00 -12.59
CA ASP A 104 -22.85 8.86 -14.02
C ASP A 104 -21.41 8.37 -14.23
N TYR A 105 -21.26 7.40 -15.12
CA TYR A 105 -19.94 6.94 -15.49
C TYR A 105 -19.74 7.02 -16.98
N ILE A 106 -18.53 7.35 -17.40
CA ILE A 106 -18.20 7.42 -18.81
C ILE A 106 -17.35 6.20 -19.17
N ASP A 107 -17.70 5.48 -20.22
CA ASP A 107 -16.92 4.31 -20.63
C ASP A 107 -16.04 4.64 -21.82
N THR A 108 -14.72 4.71 -21.61
CA THR A 108 -13.82 4.93 -22.72
C THR A 108 -12.81 3.79 -22.87
N GLY A 109 -13.03 2.72 -22.14
CA GLY A 109 -12.18 1.56 -22.25
C GLY A 109 -12.12 0.71 -20.98
N ILE A 110 -11.05 -0.06 -20.87
CA ILE A 110 -10.96 -1.13 -19.87
C ILE A 110 -11.00 -0.59 -18.44
N TRP A 111 -10.26 0.48 -18.16
CA TRP A 111 -10.21 0.97 -16.79
C TRP A 111 -11.49 1.68 -16.38
N SER A 112 -12.09 2.46 -17.28
CA SER A 112 -13.33 3.10 -16.90
C SER A 112 -14.43 2.04 -16.74
N LYS A 113 -14.30 0.90 -17.42
CA LYS A 113 -15.28 -0.19 -17.27
C LYS A 113 -15.10 -0.94 -15.93
N LYS A 114 -13.84 -1.09 -15.50
CA LYS A 114 -13.62 -1.68 -14.17
C LYS A 114 -14.20 -0.74 -13.06
N ALA A 115 -14.10 0.57 -13.25
CA ALA A 115 -14.65 1.50 -12.26
C ALA A 115 -16.18 1.39 -12.18
N ILE A 116 -16.78 1.26 -13.35
CA ILE A 116 -18.22 1.07 -13.48
C ILE A 116 -18.68 -0.16 -12.76
N GLU A 117 -18.00 -1.28 -13.02
CA GLU A 117 -18.45 -2.55 -12.47
C GLU A 117 -18.40 -2.49 -10.93
N GLU A 118 -17.38 -1.89 -10.35
CA GLU A 118 -17.27 -1.92 -8.88
C GLU A 118 -18.36 -1.01 -8.28
N ALA A 119 -18.68 0.09 -8.98
CA ALA A 119 -19.67 1.04 -8.44
C ALA A 119 -21.09 0.43 -8.38
N ARG A 120 -21.42 -0.44 -9.33
CA ARG A 120 -22.75 -1.07 -9.37
C ARG A 120 -23.07 -1.79 -8.08
N ARG A 121 -22.03 -2.15 -7.36
CA ARG A 121 -22.22 -2.93 -6.16
C ARG A 121 -22.64 -2.01 -5.01
N TYR A 122 -22.48 -0.70 -5.22
CA TYR A 122 -22.82 0.31 -4.22
C TYR A 122 -24.04 1.16 -4.54
N GLY A 123 -24.50 1.11 -5.78
CA GLY A 123 -25.72 1.82 -6.12
C GLY A 123 -25.96 1.85 -7.60
N THR A 124 -26.85 2.73 -8.03
CA THR A 124 -27.19 2.77 -9.45
C THR A 124 -26.14 3.53 -10.24
N VAL A 125 -25.63 2.88 -11.28
CA VAL A 125 -24.73 3.51 -12.22
C VAL A 125 -25.49 3.81 -13.52
N ASN A 126 -25.37 5.04 -13.99
CA ASN A 126 -25.81 5.36 -15.34
C ASN A 126 -24.58 5.54 -16.22
N VAL A 127 -24.47 4.74 -17.26
CA VAL A 127 -23.36 4.91 -18.19
C VAL A 127 -23.74 5.97 -19.22
N ALA A 128 -23.22 7.19 -19.02
CA ALA A 128 -23.70 8.38 -19.74
C ALA A 128 -23.13 8.50 -21.15
N ALA A 129 -22.05 7.78 -21.43
CA ALA A 129 -21.47 7.74 -22.78
C ALA A 129 -20.56 6.55 -22.91
N SER A 130 -20.36 6.08 -24.13
CA SER A 130 -19.45 4.96 -24.35
C SER A 130 -18.72 5.08 -25.67
N ALA A 131 -17.42 4.85 -25.67
CA ALA A 131 -16.63 4.94 -26.90
C ALA A 131 -16.83 3.74 -27.82
N LYS A 132 -17.62 2.76 -27.38
CA LYS A 132 -17.81 1.57 -28.18
C LYS A 132 -18.53 1.92 -29.47
N GLU A 133 -19.29 3.02 -29.47
CA GLU A 133 -20.01 3.46 -30.64
C GLU A 133 -18.99 3.84 -31.72
N TYR A 134 -17.77 4.16 -31.29
CA TYR A 134 -16.67 4.47 -32.19
C TYR A 134 -15.58 3.39 -32.16
N ASP A 135 -15.95 2.21 -31.67
CA ASP A 135 -15.00 1.09 -31.50
C ASP A 135 -13.75 1.54 -30.74
N TYR A 136 -13.92 2.51 -29.84
CA TYR A 136 -12.84 2.98 -28.95
C TYR A 136 -11.71 3.63 -29.74
N PHE A 137 -12.02 4.14 -30.92
CA PHE A 137 -11.05 4.92 -31.69
C PHE A 137 -11.27 6.41 -31.44
N ALA A 138 -12.36 6.72 -30.74
CA ALA A 138 -12.65 8.11 -30.45
C ALA A 138 -13.53 8.21 -29.22
N ILE A 139 -13.61 9.41 -28.65
CA ILE A 139 -14.44 9.65 -27.48
C ILE A 139 -15.69 10.38 -27.93
N PRO A 140 -16.87 9.90 -27.51
CA PRO A 140 -18.12 10.58 -27.86
C PRO A 140 -18.12 12.01 -27.34
N GLY A 141 -18.49 12.95 -28.19
CA GLY A 141 -18.51 14.35 -27.83
C GLY A 141 -19.63 14.51 -26.83
N GLN A 142 -19.61 15.61 -26.08
CA GLN A 142 -20.54 15.73 -24.97
C GLN A 142 -22.00 15.84 -25.39
N ASN A 143 -22.23 16.26 -26.64
CA ASN A 143 -23.59 16.37 -27.14
C ASN A 143 -24.28 15.01 -27.23
N GLU A 144 -23.51 13.93 -27.23
CA GLU A 144 -24.09 12.60 -27.33
C GLU A 144 -24.29 11.98 -25.95
N TRP A 145 -23.92 12.71 -24.91
CA TRP A 145 -23.93 12.17 -23.56
C TRP A 145 -25.35 12.19 -22.99
N THR A 146 -25.68 11.22 -22.14
CA THR A 146 -26.97 11.23 -21.45
C THR A 146 -26.76 11.33 -19.95
N LEU A 147 -26.31 12.51 -19.51
CA LEU A 147 -26.01 12.72 -18.10
C LEU A 147 -27.29 12.75 -17.29
N THR A 148 -27.19 12.37 -16.03
CA THR A 148 -28.31 12.41 -15.11
C THR A 148 -28.28 13.73 -14.33
N LYS A 149 -29.43 14.40 -14.25
CA LYS A 149 -29.48 15.78 -13.74
C LYS A 149 -28.95 15.95 -12.31
N ASP A 150 -29.38 15.09 -11.39
CA ASP A 150 -28.95 15.19 -10.01
C ASP A 150 -28.04 14.02 -9.60
N ALA A 151 -27.23 13.54 -10.54
CA ALA A 151 -26.24 12.52 -10.26
C ALA A 151 -25.29 12.98 -9.16
N ALA A 152 -24.84 12.04 -8.35
CA ALA A 152 -23.93 12.37 -7.26
C ALA A 152 -22.57 12.85 -7.79
N TYR A 153 -22.18 12.35 -8.96
CA TYR A 153 -20.91 12.69 -9.59
C TYR A 153 -20.83 12.08 -10.97
N VAL A 154 -19.87 12.54 -11.75
CA VAL A 154 -19.64 11.98 -13.08
C VAL A 154 -18.23 11.44 -13.11
N HIS A 155 -18.09 10.13 -13.38
CA HIS A 155 -16.78 9.53 -13.34
C HIS A 155 -16.25 9.20 -14.73
N TYR A 156 -15.03 9.63 -15.01
CA TYR A 156 -14.37 9.18 -16.21
C TYR A 156 -12.89 8.91 -16.01
N ALA A 157 -12.30 8.13 -16.91
CA ALA A 157 -10.85 7.91 -16.90
C ALA A 157 -10.28 8.86 -17.91
N SER A 158 -9.41 9.74 -17.42
CA SER A 158 -8.75 10.72 -18.27
C SER A 158 -8.01 10.04 -19.39
N ASN A 159 -7.30 8.97 -19.03
CA ASN A 159 -6.43 8.27 -19.98
C ASN A 159 -6.55 6.76 -19.86
N GLU A 160 -6.98 6.13 -20.96
CA GLU A 160 -7.08 4.69 -20.99
C GLU A 160 -5.75 4.11 -21.46
N THR A 161 -5.05 3.52 -20.51
CA THR A 161 -3.67 3.06 -20.67
C THR A 161 -3.45 2.02 -21.74
N ILE A 162 -4.41 1.13 -21.89
CA ILE A 162 -4.34 0.05 -22.88
C ILE A 162 -4.85 0.50 -24.27
N GLY A 163 -5.88 1.33 -24.26
CA GLY A 163 -6.55 1.69 -25.49
C GLY A 163 -5.89 2.87 -26.18
N GLY A 164 -5.05 3.60 -25.43
CA GLY A 164 -4.37 4.76 -25.98
C GLY A 164 -5.34 5.90 -26.24
N LEU A 165 -6.40 5.98 -25.45
CA LEU A 165 -7.49 6.93 -25.66
C LEU A 165 -7.57 7.90 -24.48
N GLU A 166 -7.48 9.19 -24.76
CA GLU A 166 -7.27 10.20 -23.72
C GLU A 166 -8.14 11.44 -23.94
N PHE A 167 -8.76 11.95 -22.87
CA PHE A 167 -9.48 13.22 -22.95
C PHE A 167 -8.50 14.37 -23.09
N ASP A 168 -8.76 15.23 -24.08
CA ASP A 168 -8.02 16.44 -24.37
C ASP A 168 -8.72 17.61 -23.71
N TRP A 169 -9.84 17.31 -23.06
CA TRP A 169 -10.78 18.35 -22.65
C TRP A 169 -11.47 17.91 -21.38
N ILE A 170 -12.02 18.86 -20.65
CA ILE A 170 -12.64 18.60 -19.37
C ILE A 170 -14.13 18.68 -19.55
N PRO A 171 -14.87 17.61 -19.21
CA PRO A 171 -16.32 17.63 -19.43
C PRO A 171 -17.02 18.73 -18.61
N GLU A 172 -18.03 19.36 -19.21
CA GLU A 172 -18.87 20.32 -18.51
CA GLU A 172 -18.86 20.31 -18.50
C GLU A 172 -20.06 19.54 -17.95
N THR A 173 -20.23 19.57 -16.63
CA THR A 173 -21.31 18.80 -16.01
C THR A 173 -22.15 19.64 -15.05
N GLY A 174 -22.19 20.94 -15.30
CA GLY A 174 -22.93 21.84 -14.42
C GLY A 174 -22.49 21.75 -12.98
N ASP A 175 -23.45 21.52 -12.09
CA ASP A 175 -23.18 21.39 -10.66
C ASP A 175 -22.84 19.99 -10.20
N VAL A 176 -22.81 19.02 -11.12
CA VAL A 176 -22.42 17.67 -10.71
C VAL A 176 -20.90 17.58 -10.62
N PRO A 177 -20.38 17.16 -9.46
CA PRO A 177 -18.92 17.10 -9.27
C PRO A 177 -18.29 16.14 -10.28
N LEU A 178 -17.21 16.57 -10.90
CA LEU A 178 -16.45 15.71 -11.79
C LEU A 178 -15.48 14.80 -11.03
N VAL A 179 -15.43 13.52 -11.38
CA VAL A 179 -14.49 12.59 -10.72
C VAL A 179 -13.66 11.90 -11.78
N THR A 180 -12.33 11.96 -11.66
CA THR A 180 -11.51 11.48 -12.74
C THR A 180 -10.31 10.61 -12.33
N ASP A 181 -10.18 9.50 -13.00
CA ASP A 181 -9.00 8.64 -12.90
C ASP A 181 -7.90 9.20 -13.80
N MET A 182 -6.92 9.85 -13.20
CA MET A 182 -5.77 10.29 -13.95
C MET A 182 -4.53 9.51 -13.59
N SER A 183 -4.68 8.23 -13.23
CA SER A 183 -3.51 7.40 -12.92
C SER A 183 -2.42 7.57 -13.97
N SER A 184 -2.77 7.47 -15.25
CA SER A 184 -1.72 7.37 -16.26
C SER A 184 -1.37 8.69 -16.97
N ASP A 185 -1.94 9.82 -16.58
CA ASP A 185 -1.49 11.07 -17.20
C ASP A 185 -1.40 12.26 -16.24
N ILE A 186 -1.65 12.05 -14.96
CA ILE A 186 -1.45 13.13 -14.00
C ILE A 186 0.00 13.61 -14.05
N LEU A 187 0.18 14.91 -13.87
CA LEU A 187 1.50 15.57 -13.87
C LEU A 187 2.20 15.56 -15.24
N SER A 188 1.52 15.09 -16.28
CA SER A 188 2.08 15.17 -17.63
C SER A 188 1.90 16.54 -18.31
N ARG A 189 1.00 17.35 -17.75
CA ARG A 189 0.68 18.67 -18.28
C ARG A 189 -0.12 19.49 -17.23
N PRO A 190 -0.25 20.82 -17.43
CA PRO A 190 -1.02 21.59 -16.44
C PRO A 190 -2.43 21.05 -16.32
N LEU A 191 -3.05 21.32 -15.18
CA LEU A 191 -4.35 20.78 -14.89
C LEU A 191 -5.11 21.76 -14.02
N ASP A 192 -6.30 22.15 -14.47
CA ASP A 192 -7.16 23.07 -13.73
C ASP A 192 -7.93 22.27 -12.68
N VAL A 193 -7.30 22.08 -11.52
CA VAL A 193 -7.85 21.24 -10.47
C VAL A 193 -9.22 21.73 -9.99
N SER A 194 -9.47 23.04 -10.02
CA SER A 194 -10.75 23.58 -9.54
C SER A 194 -11.97 23.07 -10.31
N ARG A 195 -11.76 22.52 -11.50
CA ARG A 195 -12.84 21.92 -12.30
C ARG A 195 -13.37 20.60 -11.71
N PHE A 196 -12.59 19.97 -10.83
CA PHE A 196 -12.91 18.63 -10.38
C PHE A 196 -13.40 18.59 -8.93
N GLY A 197 -14.26 17.63 -8.63
CA GLY A 197 -14.61 17.29 -7.26
C GLY A 197 -13.58 16.35 -6.67
N LEU A 198 -13.09 15.42 -7.48
CA LEU A 198 -12.03 14.48 -7.03
C LEU A 198 -11.17 14.00 -8.19
N ILE A 199 -9.85 14.05 -8.00
CA ILE A 199 -8.87 13.49 -8.93
C ILE A 199 -8.14 12.37 -8.21
N TYR A 200 -7.98 11.21 -8.82
CA TYR A 200 -7.13 10.22 -8.20
C TYR A 200 -6.17 9.63 -9.20
N ALA A 201 -5.07 9.10 -8.68
CA ALA A 201 -4.02 8.50 -9.50
C ALA A 201 -3.28 7.43 -8.72
N GLY A 202 -3.32 6.19 -9.20
CA GLY A 202 -2.37 5.18 -8.77
C GLY A 202 -1.01 5.72 -9.16
N ALA A 203 -0.04 5.60 -8.27
CA ALA A 203 1.22 6.31 -8.41
C ALA A 203 2.19 5.71 -9.43
N GLN A 204 1.97 4.44 -9.81
CA GLN A 204 2.98 3.69 -10.56
C GLN A 204 3.13 4.09 -12.03
N1 LLP A 205 -6.56 2.93 -13.66
C2 LLP A 205 -5.82 3.34 -14.76
C2' LLP A 205 -6.45 4.40 -15.62
C3 LLP A 205 -4.56 2.81 -15.07
O3 LLP A 205 -3.87 3.26 -16.16
C4 LLP A 205 -3.98 1.84 -14.25
C4' LLP A 205 -2.59 1.28 -14.57
C5 LLP A 205 -4.69 1.40 -13.15
C6 LLP A 205 -5.99 1.96 -12.89
C5' LLP A 205 -4.16 0.33 -12.21
OP4 LLP A 205 -4.72 0.48 -11.00
P LLP A 205 -3.99 -0.37 -9.58
OP1 LLP A 205 -3.32 -1.53 -10.30
OP2 LLP A 205 -5.26 -0.70 -8.86
OP3 LLP A 205 -3.07 0.71 -9.03
N LLP A 205 2.70 5.30 -12.38
CA LLP A 205 2.93 5.79 -13.75
CB LLP A 205 1.60 6.13 -14.44
CG LLP A 205 1.04 4.80 -14.98
CD LLP A 205 -0.05 4.20 -14.08
CE LLP A 205 -0.63 2.90 -14.77
NZ LLP A 205 -1.56 2.16 -13.83
C LLP A 205 3.85 7.11 -13.74
O LLP A 205 5.01 7.04 -14.07
N ASN A 206 3.31 8.26 -13.34
CA ASN A 206 4.12 9.46 -13.20
C ASN A 206 4.45 9.87 -11.75
N ILE A 207 3.71 9.32 -10.78
CA ILE A 207 3.90 9.76 -9.40
C ILE A 207 4.99 8.98 -8.70
N GLY A 208 5.04 7.66 -8.96
CA GLY A 208 6.13 6.86 -8.42
C GLY A 208 5.90 5.39 -8.24
N PRO A 209 5.97 4.93 -6.98
CA PRO A 209 6.07 3.52 -6.57
C PRO A 209 4.73 2.85 -6.40
N SER A 210 4.69 1.54 -6.63
CA SER A 210 3.43 0.78 -6.62
C SER A 210 2.77 0.77 -5.25
N GLY A 211 1.45 0.62 -5.27
CA GLY A 211 0.66 0.61 -4.05
C GLY A 211 0.11 1.97 -3.71
N LEU A 212 0.97 2.99 -3.80
CA LEU A 212 0.59 4.33 -3.40
C LEU A 212 -0.46 4.88 -4.32
N VAL A 213 -1.48 5.52 -3.75
CA VAL A 213 -2.50 6.24 -4.53
C VAL A 213 -2.65 7.65 -4.03
N VAL A 214 -2.67 8.62 -4.95
CA VAL A 214 -2.98 9.99 -4.60
C VAL A 214 -4.43 10.35 -4.90
N VAL A 215 -5.10 10.96 -3.92
CA VAL A 215 -6.45 11.45 -4.12
C VAL A 215 -6.48 12.96 -3.85
N ILE A 216 -6.93 13.73 -4.82
CA ILE A 216 -7.08 15.16 -4.63
C ILE A 216 -8.58 15.46 -4.62
N VAL A 217 -9.12 15.95 -3.50
CA VAL A 217 -10.56 16.02 -3.38
C VAL A 217 -11.04 17.33 -2.74
N ARG A 218 -12.12 17.89 -3.30
CA ARG A 218 -12.80 19.06 -2.75
C ARG A 218 -13.26 18.82 -1.33
N GLU A 219 -12.77 19.62 -0.40
CA GLU A 219 -13.15 19.54 1.00
C GLU A 219 -14.66 19.45 1.24
N ASP A 220 -15.44 20.21 0.48
CA ASP A 220 -16.88 20.28 0.72
C ASP A 220 -17.59 19.00 0.30
N LEU A 221 -16.87 18.06 -0.32
CA LEU A 221 -17.43 16.76 -0.68
C LEU A 221 -17.19 15.69 0.41
N LEU A 222 -16.35 16.00 1.39
CA LEU A 222 -16.08 15.08 2.49
C LEU A 222 -17.18 15.06 3.55
N GLY A 223 -17.32 13.95 4.26
CA GLY A 223 -18.19 13.92 5.43
C GLY A 223 -19.49 13.17 5.24
N ARG A 224 -19.67 12.56 4.08
CA ARG A 224 -20.95 11.95 3.77
C ARG A 224 -20.79 10.47 3.41
N ALA A 225 -19.66 9.90 3.79
CA ALA A 225 -19.43 8.47 3.55
C ALA A 225 -20.58 7.65 4.14
N ARG A 226 -21.06 6.64 3.42
CA ARG A 226 -22.15 5.85 3.96
C ARG A 226 -21.65 5.05 5.14
N SER A 227 -22.58 4.55 5.95
CA SER A 227 -22.21 4.00 7.24
C SER A 227 -21.40 2.72 7.09
N VAL A 228 -21.55 2.00 5.97
CA VAL A 228 -20.82 0.75 5.80
C VAL A 228 -19.38 0.98 5.28
N CYS A 229 -19.03 2.22 4.99
CA CYS A 229 -17.66 2.54 4.57
C CYS A 229 -16.66 2.30 5.71
N PRO A 230 -15.61 1.51 5.44
CA PRO A 230 -14.62 1.33 6.52
C PRO A 230 -13.96 2.66 6.89
N THR A 231 -13.51 2.77 8.13
CA THR A 231 -12.82 3.95 8.62
C THR A 231 -11.61 4.30 7.76
N MET A 232 -10.87 3.25 7.40
CA MET A 232 -9.68 3.35 6.60
C MET A 232 -9.93 3.68 5.12
N LEU A 233 -11.19 3.69 4.71
CA LEU A 233 -11.53 3.99 3.30
C LEU A 233 -12.32 5.28 3.24
N ASN A 234 -12.39 5.96 4.38
CA ASN A 234 -13.11 7.21 4.53
C ASN A 234 -12.17 8.39 4.27
N TYR A 235 -12.48 9.17 3.25
CA TYR A 235 -11.66 10.32 2.87
C TYR A 235 -11.51 11.31 4.01
N LYS A 236 -12.60 11.57 4.72
CA LYS A 236 -12.57 12.54 5.83
C LYS A 236 -11.63 12.09 6.93
N THR A 237 -11.57 10.78 7.16
CA THR A 237 -10.68 10.26 8.16
C THR A 237 -9.22 10.42 7.74
N ALA A 238 -8.94 10.16 6.45
CA ALA A 238 -7.58 10.39 5.95
C ALA A 238 -7.25 11.88 6.02
N ALA A 239 -8.15 12.72 5.50
CA ALA A 239 -7.93 14.17 5.48
C ALA A 239 -7.65 14.71 6.87
N ASP A 240 -8.47 14.32 7.83
CA ASP A 240 -8.35 14.82 9.19
C ASP A 240 -7.05 14.38 9.86
N ASN A 241 -6.42 13.33 9.35
CA ASN A 241 -5.25 12.78 10.01
C ASN A 241 -3.97 12.85 9.19
N GLY A 242 -3.95 13.76 8.23
CA GLY A 242 -2.81 13.94 7.35
C GLY A 242 -2.38 12.69 6.59
N SER A 243 -3.35 11.87 6.20
CA SER A 243 -3.10 10.56 5.59
C SER A 243 -2.29 9.67 6.53
N MET A 244 -2.36 9.94 7.82
CA MET A 244 -1.74 9.05 8.79
C MET A 244 -2.72 8.62 9.86
N TYR A 245 -3.93 8.27 9.46
CA TYR A 245 -4.85 7.68 10.43
C TYR A 245 -4.19 6.42 10.99
N ASN A 246 -3.73 5.56 10.09
CA ASN A 246 -2.88 4.44 10.46
C ASN A 246 -1.48 4.61 9.89
N THR A 247 -0.72 3.52 9.80
CA THR A 247 0.61 3.58 9.22
C THR A 247 0.53 3.66 7.69
N PRO A 248 1.15 4.68 7.14
CA PRO A 248 1.09 4.82 5.68
C PRO A 248 2.20 4.01 4.98
N ALA A 249 2.17 3.97 3.65
CA ALA A 249 3.29 3.37 2.93
C ALA A 249 4.44 4.38 2.94
N THR A 250 5.25 4.32 4.00
CA THR A 250 6.17 5.41 4.32
C THR A 250 7.25 5.58 3.24
N TYR A 251 7.84 4.49 2.78
CA TYR A 251 8.90 4.60 1.77
C TYR A 251 8.34 5.08 0.43
N SER A 252 7.19 4.54 0.05
CA SER A 252 6.54 4.94 -1.20
C SER A 252 6.17 6.41 -1.20
N TRP A 253 5.69 6.89 -0.07
CA TRP A 253 5.31 8.30 0.03
C TRP A 253 6.56 9.15 -0.12
N TYR A 254 7.65 8.72 0.50
CA TYR A 254 8.94 9.44 0.42
C TYR A 254 9.46 9.50 -1.01
N LEU A 255 9.32 8.39 -1.72
CA LEU A 255 9.83 8.25 -3.09
C LEU A 255 9.09 9.21 -4.00
N SER A 256 7.78 9.28 -3.81
CA SER A 256 6.96 10.18 -4.62
C SER A 256 7.39 11.62 -4.32
N GLY A 257 7.83 11.87 -3.09
CA GLY A 257 8.38 13.18 -2.76
C GLY A 257 9.62 13.47 -3.59
N LEU A 258 10.49 12.48 -3.73
CA LEU A 258 11.67 12.64 -4.58
C LEU A 258 11.26 12.96 -6.04
N VAL A 259 10.22 12.30 -6.50
CA VAL A 259 9.73 12.53 -7.85
C VAL A 259 9.19 13.94 -7.98
N PHE A 260 8.41 14.40 -7.00
CA PHE A 260 7.86 15.77 -7.07
C PHE A 260 9.00 16.82 -7.08
N GLU A 261 10.04 16.59 -6.29
CA GLU A 261 11.17 17.49 -6.26
C GLU A 261 11.84 17.49 -7.64
N TRP A 262 12.03 16.29 -8.19
CA TRP A 262 12.63 16.13 -9.49
C TRP A 262 11.80 16.85 -10.58
N LEU A 263 10.48 16.70 -10.49
CA LEU A 263 9.59 17.38 -11.42
C LEU A 263 9.75 18.89 -11.36
N LYS A 264 9.83 19.44 -10.14
CA LYS A 264 10.02 20.87 -9.96
C LYS A 264 11.31 21.34 -10.60
N GLU A 265 12.38 20.59 -10.37
CA GLU A 265 13.70 20.97 -10.87
C GLU A 265 13.77 20.86 -12.39
N GLN A 266 12.87 20.07 -12.97
CA GLN A 266 12.79 19.93 -14.42
C GLN A 266 11.98 21.05 -15.06
N GLY A 267 11.34 21.89 -14.25
CA GLY A 267 10.48 22.95 -14.75
C GLY A 267 8.97 22.70 -14.65
N GLY A 268 8.56 21.78 -13.79
CA GLY A 268 7.14 21.57 -13.52
C GLY A 268 6.30 21.01 -14.66
N VAL A 269 4.98 21.12 -14.52
CA VAL A 269 4.07 20.52 -15.49
C VAL A 269 4.05 21.28 -16.83
N THR A 270 4.44 22.54 -16.82
CA THR A 270 4.55 23.30 -18.06
C THR A 270 5.65 22.67 -18.92
N ALA A 271 6.76 22.34 -18.29
CA ALA A 271 7.88 21.72 -18.98
C ALA A 271 7.54 20.30 -19.42
N MET A 272 6.87 19.54 -18.57
CA MET A 272 6.41 18.21 -18.96
C MET A 272 5.50 18.27 -20.21
N GLU A 273 4.58 19.23 -20.24
CA GLU A 273 3.72 19.44 -21.41
C GLU A 273 4.57 19.61 -22.67
N GLN A 274 5.52 20.54 -22.65
CA GLN A 274 6.32 20.79 -23.86
C GLN A 274 7.10 19.53 -24.26
N ARG A 275 7.69 18.85 -23.29
CA ARG A 275 8.44 17.61 -23.57
C ARG A 275 7.54 16.49 -24.02
N ASN A 276 6.45 16.28 -23.30
CA ASN A 276 5.53 15.21 -23.64
C ASN A 276 4.84 15.44 -24.99
N ARG A 277 4.55 16.70 -25.31
CA ARG A 277 3.97 16.99 -26.63
C ARG A 277 4.97 16.61 -27.71
N ALA A 278 6.24 16.97 -27.53
CA ALA A 278 7.22 16.67 -28.58
C ALA A 278 7.42 15.16 -28.70
N LYS A 279 7.52 14.46 -27.57
CA LYS A 279 7.63 13.00 -27.58
C LYS A 279 6.47 12.34 -28.34
N LYS A 280 5.25 12.70 -27.96
CA LYS A 280 4.04 12.13 -28.56
C LYS A 280 3.99 12.45 -30.07
N ASP A 281 4.31 13.69 -30.44
CA ASP A 281 4.29 14.11 -31.85
C ASP A 281 5.21 13.28 -32.72
N LEU A 282 6.44 13.09 -32.25
CA LEU A 282 7.46 12.35 -32.99
C LEU A 282 7.04 10.90 -33.31
N LEU A 283 6.49 10.21 -32.32
CA LEU A 283 6.10 8.81 -32.49
C LEU A 283 4.86 8.68 -33.37
N TYR A 284 3.87 9.54 -33.16
CA TYR A 284 2.68 9.52 -34.00
C TYR A 284 3.04 9.88 -35.44
N LYS A 285 3.92 10.88 -35.62
CA LYS A 285 4.41 11.27 -36.95
C LYS A 285 5.01 10.07 -37.68
N THR A 286 5.81 9.29 -36.95
CA THR A 286 6.46 8.11 -37.50
C THR A 286 5.46 7.05 -37.93
N ILE A 287 4.49 6.76 -37.07
CA ILE A 287 3.46 5.77 -37.35
C ILE A 287 2.61 6.19 -38.55
N ASP A 288 2.16 7.45 -38.54
CA ASP A 288 1.29 7.94 -39.59
C ASP A 288 2.00 8.07 -40.95
N ALA A 289 3.32 8.01 -40.93
CA ALA A 289 4.13 8.19 -42.14
C ALA A 289 3.84 7.10 -43.17
N SER A 290 3.91 5.84 -42.75
CA SER A 290 3.69 4.73 -43.67
C SER A 290 2.50 3.89 -43.26
N ASP A 291 2.20 2.88 -44.07
CA ASP A 291 1.16 1.91 -43.73
C ASP A 291 1.77 0.64 -43.13
N PHE A 292 3.06 0.68 -42.81
CA PHE A 292 3.68 -0.47 -42.14
C PHE A 292 3.30 -0.53 -40.67
N TYR A 293 3.25 0.64 -40.02
CA TYR A 293 2.78 0.74 -38.65
C TYR A 293 1.44 1.43 -38.63
N THR A 294 0.60 1.07 -37.67
CA THR A 294 -0.74 1.61 -37.62
C THR A 294 -1.17 1.91 -36.20
N ASN A 295 -1.73 3.09 -36.00
CA ASN A 295 -2.49 3.41 -34.79
C ASN A 295 -3.82 3.95 -35.29
N PRO A 296 -4.92 3.36 -34.83
CA PRO A 296 -6.22 3.70 -35.38
C PRO A 296 -6.96 4.75 -34.56
N ILE A 297 -6.32 5.29 -33.53
CA ILE A 297 -7.02 6.24 -32.67
C ILE A 297 -7.10 7.57 -33.39
N GLN A 298 -8.31 8.14 -33.46
CA GLN A 298 -8.48 9.47 -34.05
C GLN A 298 -7.59 10.46 -33.30
N PRO A 299 -6.95 11.37 -34.03
CA PRO A 299 -6.04 12.35 -33.44
C PRO A 299 -6.64 13.10 -32.25
N SER A 300 -7.94 13.42 -32.30
CA SER A 300 -8.61 14.16 -31.23
C SER A 300 -8.45 13.48 -29.85
N ALA A 301 -8.24 12.18 -29.84
CA ALA A 301 -8.15 11.49 -28.56
C ALA A 301 -6.93 10.59 -28.42
N ARG A 302 -5.91 10.81 -29.25
CA ARG A 302 -4.68 10.02 -29.12
C ARG A 302 -3.95 10.35 -27.81
N SER A 303 -3.73 9.33 -26.99
CA SER A 303 -3.03 9.55 -25.74
C SER A 303 -1.60 10.05 -25.96
N TRP A 304 -1.17 11.01 -25.13
CA TRP A 304 0.23 11.44 -25.09
C TRP A 304 1.10 10.43 -24.34
N MET A 305 0.46 9.66 -23.46
CA MET A 305 1.18 8.81 -22.50
C MET A 305 1.34 7.37 -22.98
N ASN A 306 0.26 6.80 -23.52
CA ASN A 306 0.27 5.44 -24.02
C ASN A 306 -0.04 5.36 -25.51
N VAL A 307 0.94 4.89 -26.28
CA VAL A 307 0.81 4.81 -27.74
C VAL A 307 0.80 3.36 -28.25
N PRO A 308 -0.39 2.75 -28.36
CA PRO A 308 -0.54 1.44 -29.02
C PRO A 308 -0.27 1.57 -30.52
N PHE A 309 0.43 0.60 -31.11
CA PHE A 309 0.49 0.52 -32.56
C PHE A 309 0.70 -0.91 -32.96
N ARG A 310 0.31 -1.26 -34.18
CA ARG A 310 0.61 -2.59 -34.68
C ARG A 310 1.43 -2.51 -35.95
N LEU A 311 1.95 -3.66 -36.36
CA LEU A 311 2.64 -3.77 -37.63
C LEU A 311 1.64 -4.29 -38.63
N ALA A 312 1.80 -3.95 -39.90
CA ALA A 312 0.87 -4.42 -40.91
C ALA A 312 0.86 -5.93 -40.93
N ASP A 313 2.04 -6.53 -41.04
CA ASP A 313 2.19 -7.98 -41.05
C ASP A 313 2.51 -8.45 -39.63
N GLU A 314 1.51 -9.00 -38.94
CA GLU A 314 1.68 -9.45 -37.56
C GLU A 314 2.73 -10.56 -37.44
N ARG A 315 3.01 -11.30 -38.53
CA ARG A 315 4.08 -12.30 -38.52
C ARG A 315 5.43 -11.68 -38.16
N LEU A 316 5.52 -10.37 -38.26
CA LEU A 316 6.76 -9.66 -37.92
C LEU A 316 6.79 -9.19 -36.47
N ASP A 317 5.76 -9.52 -35.70
CA ASP A 317 5.75 -9.12 -34.29
C ASP A 317 6.96 -9.67 -33.54
N LYS A 318 7.13 -10.99 -33.58
CA LYS A 318 8.25 -11.65 -32.89
C LYS A 318 9.60 -11.03 -33.28
N PRO A 319 9.90 -10.90 -34.59
CA PRO A 319 11.16 -10.24 -34.95
C PRO A 319 11.28 -8.81 -34.41
N PHE A 320 10.20 -8.03 -34.51
CA PHE A 320 10.22 -6.65 -34.03
C PHE A 320 10.62 -6.59 -32.56
N LEU A 321 9.94 -7.38 -31.75
CA LEU A 321 10.18 -7.39 -30.30
C LEU A 321 11.55 -7.93 -29.93
N GLU A 322 12.03 -8.91 -30.70
CA GLU A 322 13.34 -9.50 -30.47
C GLU A 322 14.44 -8.47 -30.80
N GLY A 323 14.28 -7.77 -31.92
CA GLY A 323 15.20 -6.73 -32.30
C GLY A 323 15.17 -5.55 -31.34
N ALA A 324 13.96 -5.21 -30.90
CA ALA A 324 13.77 -4.13 -29.93
C ALA A 324 14.51 -4.44 -28.65
N GLU A 325 14.42 -5.69 -28.21
CA GLU A 325 15.13 -6.11 -27.03
C GLU A 325 16.63 -6.18 -27.32
N ALA A 326 17.01 -6.38 -28.58
CA ALA A 326 18.43 -6.42 -28.97
C ALA A 326 19.01 -5.02 -28.86
N ARG A 327 18.26 -4.02 -29.33
CA ARG A 327 18.57 -2.64 -29.00
C ARG A 327 18.23 -2.46 -27.52
N GLY A 328 18.10 -1.23 -27.04
CA GLY A 328 17.78 -1.05 -25.63
C GLY A 328 16.33 -0.73 -25.36
N LEU A 329 15.46 -1.16 -26.26
CA LEU A 329 14.05 -0.74 -26.25
C LEU A 329 13.13 -1.82 -25.71
N LEU A 330 12.82 -1.72 -24.42
CA LEU A 330 12.16 -2.80 -23.70
C LEU A 330 10.66 -2.60 -23.53
N ASN A 331 9.94 -3.72 -23.50
CA ASN A 331 8.55 -3.75 -23.05
C ASN A 331 7.59 -3.03 -23.98
N LEU A 332 7.83 -3.16 -25.28
CA LEU A 332 6.95 -2.60 -26.28
C LEU A 332 5.78 -3.52 -26.63
N LYS A 333 5.74 -4.69 -26.03
CA LYS A 333 4.68 -5.65 -26.35
C LYS A 333 3.32 -5.11 -25.92
N GLY A 334 2.34 -5.18 -26.82
CA GLY A 334 1.01 -4.65 -26.54
C GLY A 334 0.29 -5.50 -25.51
N HIS A 335 -0.72 -4.93 -24.85
CA HIS A 335 -1.57 -5.68 -23.93
C HIS A 335 -2.28 -6.84 -24.66
N ARG A 336 -2.41 -7.98 -24.01
CA ARG A 336 -2.93 -9.19 -24.67
C ARG A 336 -4.35 -9.04 -25.22
N SER A 337 -5.10 -8.07 -24.71
CA SER A 337 -6.45 -7.82 -25.19
C SER A 337 -6.46 -7.20 -26.59
N VAL A 338 -5.38 -6.51 -26.94
CA VAL A 338 -5.31 -5.81 -28.23
C VAL A 338 -4.30 -6.44 -29.20
N GLY A 339 -3.23 -7.03 -28.66
CA GLY A 339 -2.13 -7.50 -29.48
C GLY A 339 -1.23 -6.36 -29.95
N GLY A 340 -0.32 -6.63 -30.89
CA GLY A 340 0.49 -5.58 -31.47
C GLY A 340 1.55 -5.04 -30.53
N MET A 341 1.77 -3.73 -30.56
CA MET A 341 2.80 -3.08 -29.74
C MET A 341 2.21 -1.95 -28.91
N ARG A 342 3.00 -1.42 -27.97
CA ARG A 342 2.59 -0.24 -27.22
C ARG A 342 3.78 0.45 -26.57
N ALA A 343 4.01 1.70 -26.95
CA ALA A 343 5.05 2.48 -26.32
C ALA A 343 4.43 3.40 -25.27
N SER A 344 4.74 3.15 -23.99
CA SER A 344 4.31 4.07 -22.96
C SER A 344 5.47 5.03 -22.73
N ILE A 345 5.16 6.32 -22.67
CA ILE A 345 6.20 7.34 -22.66
C ILE A 345 5.88 8.40 -21.60
N TYR A 346 5.89 7.95 -20.35
CA TYR A 346 5.58 8.80 -19.21
C TYR A 346 6.66 9.86 -19.00
N ASN A 347 6.43 10.71 -18.01
CA ASN A 347 7.34 11.80 -17.65
C ASN A 347 8.80 11.40 -17.60
N ALA A 348 9.08 10.18 -17.12
CA ALA A 348 10.46 9.79 -16.85
C ALA A 348 11.26 9.52 -18.13
N LEU A 349 10.54 9.29 -19.22
CA LEU A 349 11.17 9.05 -20.51
C LEU A 349 11.42 10.35 -21.27
N GLY A 350 12.65 10.56 -21.71
CA GLY A 350 13.01 11.73 -22.48
C GLY A 350 12.74 11.58 -23.96
N LEU A 351 12.98 12.65 -24.71
CA LEU A 351 12.80 12.61 -26.17
C LEU A 351 13.78 11.63 -26.80
N ASP A 352 14.96 11.51 -26.19
CA ASP A 352 15.96 10.57 -26.69
C ASP A 352 15.39 9.15 -26.75
N ALA A 353 14.53 8.80 -25.79
CA ALA A 353 13.92 7.48 -25.76
C ALA A 353 13.06 7.26 -27.00
N VAL A 354 12.20 8.23 -27.30
CA VAL A 354 11.35 8.15 -28.48
C VAL A 354 12.19 8.24 -29.76
N GLU A 355 13.25 9.05 -29.74
CA GLU A 355 14.15 9.13 -30.87
C GLU A 355 14.73 7.75 -31.16
N ALA A 356 15.20 7.06 -30.14
CA ALA A 356 15.80 5.75 -30.31
C ALA A 356 14.78 4.72 -30.81
N LEU A 357 13.53 4.85 -30.36
CA LEU A 357 12.46 3.92 -30.77
C LEU A 357 12.12 4.11 -32.23
N VAL A 358 11.87 5.37 -32.59
CA VAL A 358 11.55 5.76 -33.95
C VAL A 358 12.69 5.45 -34.95
N ALA A 359 13.93 5.51 -34.49
CA ALA A 359 15.06 5.14 -35.33
C ALA A 359 15.04 3.64 -35.62
N TYR A 360 14.70 2.84 -34.62
CA TYR A 360 14.67 1.40 -34.82
C TYR A 360 13.49 1.05 -35.73
N MET A 361 12.35 1.68 -35.49
CA MET A 361 11.17 1.42 -36.31
C MET A 361 11.46 1.69 -37.79
N ALA A 362 12.22 2.74 -38.08
CA ALA A 362 12.62 3.06 -39.45
C ALA A 362 13.53 1.99 -40.02
N GLU A 363 14.52 1.57 -39.23
CA GLU A 363 15.43 0.52 -39.65
C GLU A 363 14.64 -0.73 -39.97
N PHE A 364 13.68 -1.05 -39.12
CA PHE A 364 12.89 -2.27 -39.28
C PHE A 364 12.02 -2.21 -40.52
N GLU A 365 11.41 -1.06 -40.77
CA GLU A 365 10.55 -0.90 -41.92
C GLU A 365 11.37 -1.12 -43.19
N LYS A 366 12.59 -0.57 -43.22
CA LYS A 366 13.45 -0.67 -44.39
C LYS A 366 13.79 -2.11 -44.74
N GLU A 367 14.08 -2.93 -43.74
CA GLU A 367 14.42 -4.32 -44.01
C GLU A 367 13.15 -5.09 -44.39
N HIS A 368 11.98 -4.64 -43.95
CA HIS A 368 10.74 -5.38 -44.22
C HIS A 368 9.67 -4.54 -44.92
N PHE B 14 21.39 1.65 16.80
CA PHE B 14 20.55 0.95 17.78
C PHE B 14 19.18 1.61 17.90
N ASN B 15 18.16 0.88 17.47
CA ASN B 15 16.83 1.42 17.25
C ASN B 15 15.75 0.68 18.03
N PHE B 16 15.40 1.19 19.22
CA PHE B 16 14.38 0.60 20.09
C PHE B 16 12.96 1.04 19.75
N CYS B 17 12.77 1.45 18.50
CA CYS B 17 11.50 1.97 18.00
C CYS B 17 10.42 0.90 17.90
N ALA B 18 9.20 1.25 18.28
CA ALA B 18 8.06 0.32 18.23
C ALA B 18 7.58 0.05 16.81
N GLY B 19 7.83 0.97 15.91
CA GLY B 19 7.34 0.82 14.56
C GLY B 19 7.78 1.97 13.68
N PRO B 20 8.37 1.65 12.52
CA PRO B 20 8.69 0.27 12.15
C PRO B 20 9.94 -0.26 12.84
N ALA B 21 10.09 -1.58 12.84
CA ALA B 21 11.33 -2.18 13.29
C ALA B 21 12.46 -1.73 12.36
N ALA B 22 13.66 -1.62 12.93
CA ALA B 22 14.84 -1.43 12.13
C ALA B 22 14.98 -2.66 11.25
N LEU B 23 15.49 -2.51 10.04
CA LEU B 23 15.75 -3.65 9.19
C LEU B 23 17.19 -4.10 9.36
N PRO B 24 17.41 -5.43 9.28
CA PRO B 24 18.77 -5.98 9.37
C PRO B 24 19.68 -5.28 8.38
N ASP B 25 20.87 -4.88 8.83
CA ASP B 25 21.79 -4.16 7.97
C ASP B 25 22.10 -4.92 6.67
N ALA B 26 22.13 -6.25 6.76
CA ALA B 26 22.38 -7.09 5.59
C ALA B 26 21.30 -6.90 4.52
N VAL B 27 20.04 -6.83 4.97
CA VAL B 27 18.89 -6.61 4.10
C VAL B 27 18.91 -5.26 3.41
N LEU B 28 19.04 -4.19 4.18
CA LEU B 28 19.10 -2.84 3.62
C LEU B 28 20.28 -2.69 2.65
N GLN B 29 21.40 -3.32 2.97
CA GLN B 29 22.57 -3.23 2.10
C GLN B 29 22.32 -3.97 0.79
N ARG B 30 21.62 -5.09 0.86
CA ARG B 30 21.29 -5.80 -0.36
C ARG B 30 20.30 -4.99 -1.18
N ALA B 31 19.31 -4.42 -0.50
CA ALA B 31 18.29 -3.60 -1.15
C ALA B 31 18.92 -2.38 -1.82
N GLN B 32 19.93 -1.80 -1.17
CA GLN B 32 20.61 -0.63 -1.72
C GLN B 32 21.43 -1.04 -2.93
N ALA B 33 22.15 -2.14 -2.82
CA ALA B 33 23.07 -2.57 -3.87
C ALA B 33 22.35 -2.87 -5.18
N GLU B 34 21.11 -3.35 -5.11
CA GLU B 34 20.43 -3.77 -6.31
C GLU B 34 19.19 -2.92 -6.59
N LEU B 35 19.17 -1.70 -6.03
CA LEU B 35 18.02 -0.80 -6.22
C LEU B 35 17.87 -0.35 -7.68
N LEU B 36 18.98 -0.26 -8.41
CA LEU B 36 18.93 0.28 -9.76
C LEU B 36 18.98 -0.81 -10.82
N ASP B 37 19.59 -1.93 -10.47
CA ASP B 37 19.95 -2.94 -11.45
C ASP B 37 19.86 -4.35 -10.83
N TRP B 38 18.63 -4.82 -10.64
CA TRP B 38 18.41 -6.10 -9.99
C TRP B 38 18.94 -7.25 -10.85
N ARG B 39 19.98 -7.90 -10.34
CA ARG B 39 20.63 -9.04 -11.00
C ARG B 39 20.94 -8.77 -12.47
N GLY B 40 21.52 -7.61 -12.75
CA GLY B 40 22.05 -7.30 -14.07
C GLY B 40 21.01 -7.10 -15.15
N LYS B 41 19.75 -6.95 -14.76
CA LYS B 41 18.66 -6.79 -15.73
C LYS B 41 18.41 -5.33 -16.13
N GLY B 42 19.18 -4.41 -15.56
CA GLY B 42 19.07 -3.00 -15.90
C GLY B 42 17.75 -2.43 -15.44
N LEU B 43 17.27 -2.92 -14.31
CA LEU B 43 15.93 -2.61 -13.85
C LEU B 43 15.81 -2.67 -12.33
N SER B 44 15.10 -1.71 -11.78
CA SER B 44 14.80 -1.71 -10.36
C SER B 44 13.62 -2.62 -10.09
N VAL B 45 13.63 -3.34 -8.97
CA VAL B 45 12.45 -4.06 -8.54
C VAL B 45 11.25 -3.09 -8.49
N MET B 46 11.53 -1.83 -8.18
CA MET B 46 10.51 -0.77 -8.18
C MET B 46 9.85 -0.59 -9.54
N GLU B 47 10.56 -0.95 -10.60
CA GLU B 47 10.07 -0.74 -11.94
C GLU B 47 9.58 -2.02 -12.61
N MET B 48 9.61 -3.15 -11.90
CA MET B 48 9.11 -4.40 -12.47
C MET B 48 7.61 -4.49 -12.44
N SER B 49 7.03 -4.87 -13.57
CA SER B 49 5.64 -5.26 -13.56
C SER B 49 5.46 -6.46 -12.64
N HIS B 50 4.38 -6.45 -11.88
CA HIS B 50 4.06 -7.54 -10.98
C HIS B 50 3.67 -8.80 -11.77
N ARG B 51 3.33 -8.62 -13.04
CA ARG B 51 2.93 -9.75 -13.87
C ARG B 51 4.13 -10.38 -14.56
N SER B 52 5.27 -9.72 -14.52
CA SER B 52 6.50 -10.20 -15.15
C SER B 52 7.03 -11.43 -14.44
N ASP B 53 7.77 -12.26 -15.18
CA ASP B 53 8.31 -13.49 -14.61
C ASP B 53 9.31 -13.26 -13.46
N ASP B 54 10.13 -12.23 -13.57
CA ASP B 54 11.07 -11.95 -12.50
C ASP B 54 10.34 -11.60 -11.21
N TYR B 55 9.32 -10.74 -11.31
CA TYR B 55 8.62 -10.35 -10.10
C TYR B 55 7.73 -11.48 -9.59
N VAL B 56 7.10 -12.22 -10.49
CA VAL B 56 6.31 -13.38 -10.09
C VAL B 56 7.14 -14.33 -9.22
N ALA B 57 8.40 -14.54 -9.59
CA ALA B 57 9.28 -15.44 -8.86
C ALA B 57 9.65 -14.89 -7.48
N ILE B 58 9.93 -13.60 -7.42
CA ILE B 58 10.16 -12.90 -6.16
C ILE B 58 9.01 -13.09 -5.17
N ALA B 59 7.80 -12.84 -5.66
CA ALA B 59 6.59 -12.89 -4.83
C ALA B 59 6.26 -14.31 -4.40
N SER B 60 6.42 -15.26 -5.31
CA SER B 60 6.18 -16.66 -4.98
C SER B 60 7.19 -17.13 -3.95
N LYS B 61 8.43 -16.70 -4.10
CA LYS B 61 9.47 -17.15 -3.18
C LYS B 61 9.28 -16.51 -1.81
N ALA B 62 8.79 -15.27 -1.78
CA ALA B 62 8.47 -14.63 -0.52
C ALA B 62 7.37 -15.42 0.20
N GLU B 63 6.30 -15.74 -0.53
CA GLU B 63 5.22 -16.54 0.02
C GLU B 63 5.76 -17.86 0.55
N GLN B 64 6.51 -18.57 -0.28
CA GLN B 64 7.02 -19.90 0.07
C GLN B 64 7.96 -19.87 1.28
N ASP B 65 8.85 -18.89 1.32
CA ASP B 65 9.75 -18.78 2.46
C ASP B 65 8.98 -18.56 3.74
N LEU B 66 7.93 -17.73 3.68
CA LEU B 66 7.08 -17.51 4.85
C LEU B 66 6.41 -18.81 5.29
N ARG B 67 5.81 -19.51 4.33
CA ARG B 67 5.21 -20.82 4.59
C ARG B 67 6.21 -21.77 5.28
N ASP B 68 7.45 -21.77 4.82
CA ASP B 68 8.50 -22.58 5.44
C ASP B 68 8.79 -22.10 6.84
N LEU B 69 8.96 -20.79 6.99
CA LEU B 69 9.35 -20.20 8.27
C LEU B 69 8.38 -20.56 9.39
N LEU B 70 7.08 -20.35 9.17
CA LEU B 70 6.10 -20.62 10.23
C LEU B 70 5.48 -22.02 10.17
N ASP B 71 5.93 -22.84 9.21
CA ASP B 71 5.32 -24.13 8.90
C ASP B 71 3.81 -24.01 8.70
N ILE B 72 3.43 -23.22 7.70
CA ILE B 72 2.03 -22.98 7.38
C ILE B 72 1.48 -24.18 6.61
N PRO B 73 0.36 -24.77 7.09
CA PRO B 73 -0.15 -25.92 6.35
C PRO B 73 -0.70 -25.51 4.99
N SER B 74 -0.89 -26.49 4.11
CA SER B 74 -1.30 -26.25 2.74
C SER B 74 -2.70 -25.68 2.59
N ASP B 75 -3.55 -25.92 3.57
CA ASP B 75 -4.91 -25.42 3.49
C ASP B 75 -5.03 -23.99 4.04
N TYR B 76 -3.89 -23.29 4.14
CA TYR B 76 -3.92 -21.86 4.45
C TYR B 76 -3.47 -21.05 3.24
N LYS B 77 -4.23 -20.00 2.92
CA LYS B 77 -3.78 -18.98 1.97
C LYS B 77 -2.92 -17.95 2.70
N VAL B 78 -1.89 -17.49 2.01
CA VAL B 78 -0.99 -16.47 2.53
C VAL B 78 -1.10 -15.25 1.60
N LEU B 79 -1.67 -14.17 2.12
CA LEU B 79 -1.96 -12.98 1.32
C LEU B 79 -1.03 -11.82 1.66
N PHE B 80 -0.61 -11.08 0.64
CA PHE B 80 0.21 -9.91 0.87
C PHE B 80 -0.60 -8.69 0.51
N LEU B 81 -1.12 -7.99 1.54
CA LEU B 81 -2.09 -6.92 1.32
C LEU B 81 -1.52 -5.56 1.67
N GLN B 82 -2.34 -4.54 1.46
CA GLN B 82 -1.97 -3.16 1.80
C GLN B 82 -2.93 -2.57 2.81
N GLY B 83 -2.57 -1.42 3.34
CA GLY B 83 -3.47 -0.64 4.18
C GLY B 83 -3.24 -0.75 5.68
N GLY B 84 -2.20 -1.47 6.10
CA GLY B 84 -1.84 -1.51 7.51
C GLY B 84 -2.72 -2.48 8.29
N ALA B 85 -2.25 -2.91 9.46
CA ALA B 85 -3.03 -3.82 10.30
C ALA B 85 -4.44 -3.26 10.58
N SER B 86 -4.54 -1.93 10.72
CA SER B 86 -5.79 -1.23 10.97
C SER B 86 -6.90 -1.59 10.01
N GLN B 87 -6.53 -1.78 8.75
CA GLN B 87 -7.50 -2.03 7.72
C GLN B 87 -8.13 -3.39 7.91
N GLN B 88 -7.39 -4.31 8.52
CA GLN B 88 -7.94 -5.61 8.85
C GLN B 88 -9.07 -5.50 9.86
N PHE B 89 -9.10 -4.41 10.63
CA PHE B 89 -10.20 -4.24 11.61
C PHE B 89 -11.56 -4.24 10.90
N ALA B 90 -11.59 -3.73 9.66
CA ALA B 90 -12.79 -3.76 8.83
C ALA B 90 -12.82 -5.01 7.93
N GLU B 91 -11.68 -5.40 7.37
CA GLU B 91 -11.66 -6.54 6.44
C GLU B 91 -12.11 -7.82 7.14
N ILE B 92 -11.71 -8.03 8.39
CA ILE B 92 -12.10 -9.26 9.10
C ILE B 92 -13.63 -9.39 9.19
N PRO B 93 -14.34 -8.41 9.79
CA PRO B 93 -15.79 -8.57 9.83
C PRO B 93 -16.42 -8.63 8.44
N LEU B 94 -15.84 -7.86 7.51
CA LEU B 94 -16.41 -7.79 6.15
C LEU B 94 -16.34 -9.17 5.47
N ASN B 95 -15.30 -9.94 5.76
CA ASN B 95 -15.14 -11.27 5.17
C ASN B 95 -15.73 -12.40 6.02
N LEU B 96 -15.60 -12.29 7.35
CA LEU B 96 -15.86 -13.44 8.25
C LEU B 96 -17.10 -13.29 9.12
N LEU B 97 -17.70 -12.11 9.17
CA LEU B 97 -18.87 -11.92 10.03
C LEU B 97 -20.17 -11.77 9.26
N PRO B 98 -21.04 -12.79 9.33
CA PRO B 98 -22.34 -12.67 8.66
C PRO B 98 -23.13 -11.50 9.26
N GLU B 99 -23.88 -10.79 8.43
CA GLU B 99 -24.58 -9.58 8.86
C GLU B 99 -25.55 -9.88 10.00
N ASP B 100 -26.10 -11.10 10.03
CA ASP B 100 -27.02 -11.46 11.10
C ASP B 100 -26.33 -12.28 12.21
N GLY B 101 -25.05 -12.04 12.43
CA GLY B 101 -24.28 -12.85 13.37
C GLY B 101 -23.55 -12.11 14.48
N VAL B 102 -22.76 -12.85 15.25
CA VAL B 102 -22.06 -12.30 16.40
C VAL B 102 -20.57 -12.64 16.35
N ALA B 103 -19.73 -11.68 16.70
CA ALA B 103 -18.30 -11.91 16.83
C ALA B 103 -17.86 -11.65 18.28
N ASP B 104 -17.07 -12.57 18.84
CA ASP B 104 -16.48 -12.38 20.15
C ASP B 104 -15.16 -11.63 20.03
N TYR B 105 -14.98 -10.57 20.81
CA TYR B 105 -13.72 -9.85 20.82
C TYR B 105 -13.14 -9.82 22.23
N ILE B 106 -11.82 -9.89 22.33
CA ILE B 106 -11.12 -9.87 23.60
C ILE B 106 -10.35 -8.56 23.73
N ASP B 107 -10.63 -7.83 24.81
CA ASP B 107 -10.03 -6.52 25.05
C ASP B 107 -8.84 -6.64 26.00
N THR B 108 -7.64 -6.40 25.48
CA THR B 108 -6.45 -6.42 26.32
C THR B 108 -5.67 -5.13 26.24
N GLY B 109 -6.26 -4.11 25.64
CA GLY B 109 -5.56 -2.85 25.49
C GLY B 109 -6.00 -2.08 24.26
N ILE B 110 -5.16 -1.15 23.83
CA ILE B 110 -5.55 -0.16 22.82
C ILE B 110 -5.92 -0.75 21.46
N TRP B 111 -5.07 -1.64 20.94
CA TRP B 111 -5.24 -2.09 19.58
C TRP B 111 -6.39 -3.08 19.49
N SER B 112 -6.59 -3.87 20.54
CA SER B 112 -7.71 -4.80 20.50
C SER B 112 -9.02 -4.02 20.70
N LYS B 113 -8.99 -2.88 21.40
CA LYS B 113 -10.19 -2.03 21.47
C LYS B 113 -10.51 -1.30 20.14
N LYS B 114 -9.47 -0.95 19.39
CA LYS B 114 -9.65 -0.30 18.08
C LYS B 114 -10.36 -1.27 17.13
N ALA B 115 -9.92 -2.52 17.22
CA ALA B 115 -10.45 -3.61 16.44
C ALA B 115 -11.92 -3.87 16.76
N ILE B 116 -12.27 -3.74 18.04
CA ILE B 116 -13.65 -3.87 18.49
C ILE B 116 -14.53 -2.76 17.94
N GLU B 117 -14.05 -1.53 18.06
CA GLU B 117 -14.88 -0.38 17.72
C GLU B 117 -15.21 -0.43 16.22
N GLU B 118 -14.28 -0.87 15.39
CA GLU B 118 -14.49 -0.94 13.95
C GLU B 118 -15.48 -2.07 13.65
N ALA B 119 -15.37 -3.18 14.37
CA ALA B 119 -16.22 -4.33 14.12
C ALA B 119 -17.67 -3.99 14.40
N ARG B 120 -17.92 -3.14 15.40
CA ARG B 120 -19.29 -2.82 15.81
C ARG B 120 -20.07 -2.15 14.69
N ARG B 121 -19.34 -1.62 13.72
CA ARG B 121 -19.98 -0.97 12.59
C ARG B 121 -20.51 -2.00 11.57
N TYR B 122 -20.19 -3.27 11.78
CA TYR B 122 -20.56 -4.30 10.80
C TYR B 122 -21.46 -5.41 11.34
N GLY B 123 -21.63 -5.43 12.66
CA GLY B 123 -22.51 -6.39 13.26
C GLY B 123 -22.42 -6.32 14.77
N THR B 124 -22.99 -7.32 15.41
CA THR B 124 -23.00 -7.39 16.87
C THR B 124 -21.66 -7.89 17.40
N VAL B 125 -21.08 -7.14 18.33
CA VAL B 125 -19.82 -7.55 18.92
C VAL B 125 -19.99 -7.84 20.41
N ASN B 126 -19.59 -9.04 20.82
CA ASN B 126 -19.59 -9.35 22.24
C ASN B 126 -18.16 -9.33 22.74
N VAL B 127 -17.90 -8.43 23.68
CA VAL B 127 -16.59 -8.35 24.31
C VAL B 127 -16.55 -9.39 25.43
N ALA B 128 -16.00 -10.56 25.13
CA ALA B 128 -16.11 -11.71 26.02
C ALA B 128 -15.12 -11.68 27.20
N ALA B 129 -14.19 -10.74 27.17
CA ALA B 129 -13.19 -10.60 28.24
C ALA B 129 -12.51 -9.25 28.15
N SER B 130 -12.15 -8.71 29.31
CA SER B 130 -11.48 -7.43 29.38
C SER B 130 -10.39 -7.43 30.44
N ALA B 131 -9.20 -6.96 30.07
CA ALA B 131 -8.10 -6.82 31.00
C ALA B 131 -8.33 -5.63 31.93
N LYS B 132 -9.43 -4.90 31.69
CA LYS B 132 -9.85 -3.79 32.52
C LYS B 132 -9.90 -4.10 34.02
N GLU B 133 -10.46 -5.25 34.40
CA GLU B 133 -10.55 -5.65 35.80
C GLU B 133 -9.15 -5.68 36.44
N TYR B 134 -8.12 -5.98 35.64
CA TYR B 134 -6.77 -6.14 36.16
C TYR B 134 -5.89 -4.94 35.85
N ASP B 135 -6.53 -3.82 35.49
CA ASP B 135 -5.82 -2.59 35.13
C ASP B 135 -4.84 -2.85 33.98
N TYR B 136 -5.18 -3.81 33.13
CA TYR B 136 -4.37 -4.18 31.97
C TYR B 136 -2.95 -4.62 32.41
N PHE B 137 -2.82 -5.06 33.66
CA PHE B 137 -1.54 -5.55 34.15
C PHE B 137 -1.44 -7.06 33.98
N ALA B 138 -2.54 -7.66 33.54
CA ALA B 138 -2.67 -9.11 33.39
C ALA B 138 -3.84 -9.45 32.46
N ILE B 139 -3.77 -10.62 31.85
CA ILE B 139 -4.84 -11.10 30.98
C ILE B 139 -5.79 -12.05 31.72
N PRO B 140 -7.11 -11.83 31.58
CA PRO B 140 -8.09 -12.72 32.20
C PRO B 140 -8.00 -14.12 31.63
N GLY B 141 -7.83 -15.13 32.49
CA GLY B 141 -7.81 -16.53 32.06
C GLY B 141 -9.14 -16.90 31.42
N GLN B 142 -9.15 -17.95 30.61
CA GLN B 142 -10.34 -18.22 29.81
C GLN B 142 -11.57 -18.60 30.62
N ASN B 143 -11.40 -19.13 31.82
CA ASN B 143 -12.58 -19.49 32.58
CA ASN B 143 -12.53 -19.49 32.68
C ASN B 143 -13.35 -18.25 33.04
N GLU B 144 -12.72 -17.08 32.93
CA GLU B 144 -13.39 -15.82 33.22
C GLU B 144 -14.12 -15.29 31.99
N TRP B 145 -13.85 -15.87 30.81
CA TRP B 145 -14.41 -15.39 29.55
C TRP B 145 -15.88 -15.72 29.37
N THR B 146 -16.59 -14.87 28.64
CA THR B 146 -17.98 -15.15 28.31
C THR B 146 -18.14 -15.31 26.79
N LEU B 147 -17.57 -16.38 26.25
CA LEU B 147 -17.63 -16.67 24.83
C LEU B 147 -19.04 -16.96 24.37
N THR B 148 -19.31 -16.63 23.11
CA THR B 148 -20.59 -16.91 22.48
C THR B 148 -20.50 -18.22 21.69
N LYS B 149 -21.36 -19.19 22.02
CA LYS B 149 -21.27 -20.53 21.43
C LYS B 149 -21.41 -20.51 19.90
N ASP B 150 -22.24 -19.62 19.39
CA ASP B 150 -22.56 -19.62 17.99
C ASP B 150 -21.81 -18.51 17.25
N ALA B 151 -20.64 -18.14 17.76
CA ALA B 151 -19.88 -17.01 17.21
C ALA B 151 -19.21 -17.35 15.89
N ALA B 152 -19.18 -16.36 15.00
CA ALA B 152 -18.47 -16.45 13.72
C ALA B 152 -16.96 -16.58 13.93
N TYR B 153 -16.44 -15.91 14.97
CA TYR B 153 -15.02 -15.97 15.32
C TYR B 153 -14.75 -15.35 16.66
N VAL B 154 -13.51 -15.52 17.10
CA VAL B 154 -13.04 -14.89 18.31
C VAL B 154 -11.78 -14.11 17.97
N HIS B 155 -11.81 -12.80 18.15
CA HIS B 155 -10.65 -11.95 17.82
C HIS B 155 -9.95 -11.47 19.08
N TYR B 156 -8.62 -11.55 19.06
CA TYR B 156 -7.82 -10.98 20.13
C TYR B 156 -6.48 -10.59 19.56
N ALA B 157 -5.77 -9.72 20.26
CA ALA B 157 -4.45 -9.31 19.82
C ALA B 157 -3.45 -10.07 20.67
N SER B 158 -2.56 -10.80 20.04
CA SER B 158 -1.63 -11.62 20.80
C SER B 158 -0.64 -10.75 21.54
N ASN B 159 -0.35 -9.57 20.99
CA ASN B 159 0.61 -8.66 21.62
C ASN B 159 0.14 -7.21 21.55
N GLU B 160 -0.20 -6.64 22.71
CA GLU B 160 -0.60 -5.25 22.79
C GLU B 160 0.68 -4.42 22.81
N THR B 161 1.02 -3.90 21.65
CA THR B 161 2.26 -3.17 21.40
C THR B 161 2.53 -2.03 22.39
N ILE B 162 1.48 -1.27 22.73
CA ILE B 162 1.64 -0.16 23.67
C ILE B 162 1.80 -0.63 25.11
N GLY B 163 1.01 -1.64 25.49
CA GLY B 163 0.88 -2.00 26.88
C GLY B 163 1.80 -3.10 27.37
N GLY B 164 2.59 -3.68 26.49
CA GLY B 164 3.55 -4.72 26.87
C GLY B 164 2.86 -5.98 27.35
N LEU B 165 1.63 -6.16 26.91
CA LEU B 165 0.76 -7.23 27.36
C LEU B 165 0.57 -8.27 26.25
N GLU B 166 0.99 -9.50 26.53
CA GLU B 166 1.10 -10.53 25.52
C GLU B 166 0.56 -11.88 26.00
N PHE B 167 -0.10 -12.61 25.09
CA PHE B 167 -0.50 -13.98 25.30
C PHE B 167 0.69 -14.92 25.18
N ASP B 168 0.84 -15.83 26.15
CA ASP B 168 1.76 -16.97 26.00
C ASP B 168 0.97 -18.27 25.82
N TRP B 169 -0.35 -18.13 25.73
CA TRP B 169 -1.26 -19.26 25.56
C TRP B 169 -2.30 -19.00 24.46
N ILE B 170 -2.82 -20.07 23.89
CA ILE B 170 -3.78 -19.96 22.79
C ILE B 170 -5.18 -20.31 23.29
N PRO B 171 -6.15 -19.41 23.08
CA PRO B 171 -7.52 -19.72 23.53
C PRO B 171 -8.10 -20.97 22.84
N GLU B 172 -8.82 -21.76 23.62
CA GLU B 172 -9.47 -22.97 23.13
CA GLU B 172 -9.45 -22.97 23.16
C GLU B 172 -10.94 -22.63 22.98
N THR B 173 -11.38 -22.41 21.74
CA THR B 173 -12.74 -21.92 21.47
C THR B 173 -13.58 -22.89 20.64
N GLY B 174 -13.24 -24.17 20.69
CA GLY B 174 -14.02 -25.19 20.00
C GLY B 174 -14.00 -25.06 18.48
N ASP B 175 -15.20 -25.04 17.90
CA ASP B 175 -15.35 -24.96 16.45
C ASP B 175 -15.44 -23.51 15.95
N VAL B 176 -15.35 -22.56 16.88
CA VAL B 176 -15.32 -21.15 16.52
C VAL B 176 -13.89 -20.76 16.10
N PRO B 177 -13.74 -20.18 14.91
CA PRO B 177 -12.45 -19.72 14.38
C PRO B 177 -11.73 -18.70 15.28
N LEU B 178 -10.42 -18.85 15.39
CA LEU B 178 -9.57 -17.89 16.11
C LEU B 178 -8.97 -16.86 15.16
N VAL B 179 -9.20 -15.58 15.44
CA VAL B 179 -8.62 -14.55 14.60
C VAL B 179 -7.70 -13.70 15.46
N THR B 180 -6.45 -13.53 15.04
CA THR B 180 -5.48 -12.90 15.92
CA THR B 180 -5.48 -12.90 15.92
C THR B 180 -4.60 -11.86 15.23
N ASP B 181 -4.45 -10.72 15.89
CA ASP B 181 -3.54 -9.68 15.49
C ASP B 181 -2.17 -10.06 16.02
N MET B 182 -1.26 -10.45 15.13
CA MET B 182 0.09 -10.78 15.55
C MET B 182 1.12 -9.84 14.94
N SER B 183 0.72 -8.60 14.68
CA SER B 183 1.62 -7.61 14.08
C SER B 183 2.99 -7.56 14.76
N SER B 184 3.00 -7.53 16.08
CA SER B 184 4.24 -7.25 16.80
C SER B 184 5.01 -8.49 17.26
N ASP B 185 4.39 -9.67 17.19
CA ASP B 185 5.11 -10.86 17.64
C ASP B 185 5.24 -11.97 16.59
N ILE B 186 4.66 -11.79 15.41
CA ILE B 186 4.77 -12.85 14.39
C ILE B 186 6.24 -13.03 14.02
N LEU B 187 6.63 -14.27 13.76
CA LEU B 187 8.00 -14.65 13.39
C LEU B 187 9.00 -14.50 14.53
N SER B 188 8.51 -14.24 15.75
CA SER B 188 9.43 -14.12 16.88
C SER B 188 9.61 -15.45 17.61
N ARG B 189 8.62 -16.34 17.48
CA ARG B 189 8.66 -17.66 18.12
C ARG B 189 8.05 -18.70 17.20
N PRO B 190 8.21 -20.01 17.54
CA PRO B 190 7.38 -20.98 16.83
C PRO B 190 5.91 -20.67 16.97
N LEU B 191 5.14 -21.01 15.93
CA LEU B 191 3.73 -20.73 15.93
C LEU B 191 2.98 -21.92 15.35
N ASP B 192 1.94 -22.33 16.07
CA ASP B 192 1.08 -23.44 15.65
C ASP B 192 -0.08 -22.85 14.84
N VAL B 193 0.18 -22.63 13.55
CA VAL B 193 -0.74 -21.95 12.66
C VAL B 193 -2.10 -22.66 12.54
N SER B 194 -2.08 -23.99 12.68
CA SER B 194 -3.27 -24.79 12.47
C SER B 194 -4.35 -24.48 13.50
N ARG B 195 -3.94 -23.86 14.61
CA ARG B 195 -4.85 -23.46 15.67
C ARG B 195 -5.73 -22.27 15.29
N PHE B 196 -5.35 -21.57 14.23
CA PHE B 196 -5.98 -20.28 13.92
C PHE B 196 -6.84 -20.28 12.65
N GLY B 197 -7.93 -19.51 12.69
CA GLY B 197 -8.70 -19.27 11.49
C GLY B 197 -8.00 -18.24 10.62
N LEU B 198 -7.63 -17.14 11.25
CA LEU B 198 -6.89 -16.12 10.55
C LEU B 198 -5.85 -15.45 11.44
N ILE B 199 -4.65 -15.31 10.90
CA ILE B 199 -3.59 -14.50 11.48
C ILE B 199 -3.31 -13.32 10.58
N TYR B 200 -3.17 -12.13 11.15
CA TYR B 200 -2.73 -11.01 10.36
C TYR B 200 -1.66 -10.21 11.09
N ALA B 201 -0.82 -9.54 10.32
CA ALA B 201 0.31 -8.81 10.86
C ALA B 201 0.68 -7.65 9.94
N GLY B 202 0.68 -6.44 10.50
CA GLY B 202 1.29 -5.32 9.84
C GLY B 202 2.76 -5.64 9.76
N ALA B 203 3.34 -5.49 8.57
CA ALA B 203 4.72 -5.89 8.34
C ALA B 203 5.72 -5.01 9.06
N GLN B 204 5.34 -3.76 9.27
CA GLN B 204 6.25 -2.75 9.79
C GLN B 204 6.81 -3.10 11.15
N1 LLP B 205 -2.42 -3.71 15.70
C2 LLP B 205 -1.25 -3.74 16.40
C2' LLP B 205 -1.08 -4.86 17.39
C3 LLP B 205 -0.25 -2.77 16.22
O3 LLP B 205 0.91 -2.82 16.95
C4 LLP B 205 -0.44 -1.74 15.27
C4' LLP B 205 0.61 -0.70 15.07
C5 LLP B 205 -1.65 -1.72 14.57
C6 LLP B 205 -2.60 -2.73 14.82
C5' LLP B 205 -2.02 -0.68 13.51
OP4 LLP B 205 -1.25 -0.92 12.45
P LLP B 205 -1.40 0.04 10.95
OP1 LLP B 205 -0.71 1.32 11.38
OP2 LLP B 205 -2.90 0.13 10.78
OP3 LLP B 205 -0.64 -0.89 10.03
N LLP B 205 6.10 -3.95 11.89
CA LLP B 205 6.44 -4.10 13.32
CB LLP B 205 5.26 -4.63 14.17
CG LLP B 205 4.67 -3.47 14.97
CD LLP B 205 3.75 -2.63 14.09
CE LLP B 205 2.89 -1.69 14.96
NZ LLP B 205 1.68 -1.28 14.18
C LLP B 205 7.59 -5.13 13.52
O LLP B 205 8.54 -4.84 14.23
N ASN B 206 7.50 -6.31 12.93
CA ASN B 206 8.53 -7.33 13.13
C ASN B 206 9.17 -7.78 11.83
N ILE B 207 8.64 -7.34 10.70
CA ILE B 207 9.30 -7.61 9.43
C ILE B 207 10.06 -6.38 8.93
N GLY B 208 9.43 -5.21 8.99
CA GLY B 208 10.11 -3.99 8.59
C GLY B 208 9.43 -3.06 7.58
N PRO B 209 8.95 -3.59 6.45
CA PRO B 209 8.34 -2.73 5.41
C PRO B 209 6.97 -2.17 5.81
N SER B 210 6.82 -0.85 5.82
CA SER B 210 5.56 -0.23 6.23
C SER B 210 4.52 -0.30 5.10
N GLY B 211 3.25 -0.27 5.48
CA GLY B 211 2.15 -0.38 4.54
C GLY B 211 1.66 -1.82 4.37
N LEU B 212 2.61 -2.72 4.14
CA LEU B 212 2.26 -4.09 3.78
C LEU B 212 1.67 -4.83 4.97
N VAL B 213 0.73 -5.71 4.69
CA VAL B 213 0.10 -6.53 5.72
C VAL B 213 0.11 -7.95 5.28
N VAL B 214 0.43 -8.86 6.18
CA VAL B 214 0.34 -10.27 5.88
C VAL B 214 -0.90 -10.83 6.54
N VAL B 215 -1.67 -11.56 5.76
CA VAL B 215 -2.83 -12.25 6.29
C VAL B 215 -2.68 -13.74 6.00
N ILE B 216 -2.88 -14.57 7.02
CA ILE B 216 -2.76 -16.02 6.86
C ILE B 216 -4.09 -16.62 7.26
N VAL B 217 -4.81 -17.17 6.29
CA VAL B 217 -6.21 -17.51 6.54
C VAL B 217 -6.58 -18.88 6.00
N ARG B 218 -7.32 -19.64 6.80
CA ARG B 218 -7.84 -20.95 6.39
C ARG B 218 -8.63 -20.82 5.12
N GLU B 219 -8.31 -21.66 4.14
CA GLU B 219 -9.00 -21.71 2.86
C GLU B 219 -10.51 -21.80 3.03
N ASP B 220 -10.97 -22.62 3.95
CA ASP B 220 -12.40 -22.89 4.10
C ASP B 220 -13.16 -21.73 4.75
N LEU B 221 -12.47 -20.67 5.13
CA LEU B 221 -13.15 -19.51 5.69
C LEU B 221 -13.51 -18.49 4.61
N LEU B 222 -12.91 -18.64 3.42
CA LEU B 222 -13.04 -17.66 2.33
C LEU B 222 -14.33 -17.82 1.55
N GLY B 223 -14.74 -16.79 0.81
CA GLY B 223 -15.87 -16.92 -0.09
C GLY B 223 -17.22 -16.44 0.43
N ARG B 224 -17.26 -15.98 1.68
CA ARG B 224 -18.52 -15.61 2.31
C ARG B 224 -18.66 -14.10 2.61
N ALA B 225 -17.74 -13.29 2.09
CA ALA B 225 -17.81 -11.82 2.32
C ALA B 225 -19.16 -11.27 1.88
N ARG B 226 -19.64 -10.28 2.63
CA ARG B 226 -20.97 -9.71 2.40
C ARG B 226 -20.93 -8.81 1.17
N SER B 227 -22.09 -8.58 0.55
CA SER B 227 -22.16 -7.81 -0.69
C SER B 227 -21.49 -6.43 -0.66
N VAL B 228 -21.52 -5.75 0.48
CA VAL B 228 -20.95 -4.39 0.52
C VAL B 228 -19.42 -4.40 0.62
N CYS B 229 -18.81 -5.57 0.88
CA CYS B 229 -17.35 -5.66 0.90
C CYS B 229 -16.75 -5.22 -0.43
N PRO B 230 -15.82 -4.25 -0.41
CA PRO B 230 -15.13 -3.91 -1.66
C PRO B 230 -14.38 -5.11 -2.21
N THR B 231 -14.33 -5.19 -3.54
CA THR B 231 -13.58 -6.22 -4.23
C THR B 231 -12.15 -6.30 -3.69
N MET B 232 -11.55 -5.14 -3.48
CA MET B 232 -10.16 -5.02 -3.04
C MET B 232 -9.93 -5.36 -1.56
N LEU B 233 -11.01 -5.53 -0.81
CA LEU B 233 -10.91 -5.93 0.60
C LEU B 233 -11.46 -7.35 0.82
N ASN B 234 -11.80 -8.04 -0.28
CA ASN B 234 -12.28 -9.43 -0.25
C ASN B 234 -11.11 -10.43 -0.29
N TYR B 235 -10.93 -11.24 0.76
CA TYR B 235 -9.79 -12.17 0.83
C TYR B 235 -9.78 -13.15 -0.34
N LYS B 236 -10.95 -13.65 -0.71
CA LYS B 236 -11.05 -14.60 -1.81
C LYS B 236 -10.47 -13.99 -3.08
N THR B 237 -10.66 -12.69 -3.24
CA THR B 237 -10.16 -12.01 -4.42
C THR B 237 -8.64 -12.03 -4.45
N ALA B 238 -8.01 -11.68 -3.33
CA ALA B 238 -6.56 -11.71 -3.32
C ALA B 238 -6.07 -13.17 -3.34
N ALA B 239 -6.85 -14.08 -2.76
CA ALA B 239 -6.47 -15.51 -2.74
C ALA B 239 -6.49 -16.14 -4.15
N ASP B 240 -7.56 -15.89 -4.91
CA ASP B 240 -7.69 -16.46 -6.26
C ASP B 240 -6.74 -15.80 -7.25
N ASN B 241 -6.16 -14.67 -6.88
CA ASN B 241 -5.32 -13.94 -7.82
C ASN B 241 -3.89 -13.80 -7.34
N GLY B 242 -3.52 -14.58 -6.33
CA GLY B 242 -2.16 -14.58 -5.83
C GLY B 242 -1.77 -13.22 -5.27
N SER B 243 -2.68 -12.61 -4.51
CA SER B 243 -2.51 -11.25 -3.99
C SER B 243 -2.22 -10.22 -5.08
N MET B 244 -2.67 -10.48 -6.31
CA MET B 244 -2.39 -9.59 -7.43
C MET B 244 -3.59 -9.35 -8.35
N TYR B 245 -4.78 -9.23 -7.77
CA TYR B 245 -5.94 -8.81 -8.54
C TYR B 245 -5.64 -7.48 -9.25
N ASN B 246 -5.08 -6.54 -8.49
CA ASN B 246 -4.50 -5.32 -9.05
C ASN B 246 -3.02 -5.22 -8.71
N THR B 247 -2.44 -4.03 -8.81
CA THR B 247 -1.02 -3.84 -8.50
C THR B 247 -0.78 -3.86 -6.99
N PRO B 248 0.06 -4.81 -6.54
CA PRO B 248 0.38 -4.93 -5.10
C PRO B 248 1.43 -3.89 -4.71
N ALA B 249 1.79 -3.81 -3.43
CA ALA B 249 2.92 -2.98 -3.03
C ALA B 249 4.20 -3.76 -3.36
N THR B 250 4.69 -3.59 -4.58
CA THR B 250 5.69 -4.52 -5.08
C THR B 250 7.00 -4.44 -4.34
N TYR B 251 7.42 -3.22 -4.00
CA TYR B 251 8.70 -3.08 -3.35
C TYR B 251 8.68 -3.68 -1.93
N SER B 252 7.66 -3.31 -1.16
CA SER B 252 7.50 -3.78 0.19
C SER B 252 7.42 -5.30 0.28
N TRP B 253 6.77 -5.90 -0.71
CA TRP B 253 6.66 -7.35 -0.79
C TRP B 253 8.05 -7.96 -1.00
N TYR B 254 8.80 -7.39 -1.92
CA TYR B 254 10.17 -7.80 -2.20
C TYR B 254 11.07 -7.66 -0.96
N LEU B 255 10.94 -6.53 -0.26
CA LEU B 255 11.71 -6.30 0.96
C LEU B 255 11.42 -7.35 2.02
N SER B 256 10.14 -7.60 2.22
CA SER B 256 9.75 -8.56 3.23
C SER B 256 10.31 -9.94 2.85
N GLY B 257 10.44 -10.20 1.54
CA GLY B 257 11.06 -11.43 1.09
C GLY B 257 12.54 -11.52 1.44
N LEU B 258 13.22 -10.39 1.33
CA LEU B 258 14.61 -10.33 1.75
C LEU B 258 14.75 -10.67 3.22
N VAL B 259 13.83 -10.15 4.03
CA VAL B 259 13.82 -10.41 5.46
C VAL B 259 13.55 -11.89 5.74
N PHE B 260 12.69 -12.51 4.95
CA PHE B 260 12.40 -13.93 5.15
C PHE B 260 13.65 -14.74 4.83
N GLU B 261 14.35 -14.35 3.77
CA GLU B 261 15.57 -15.01 3.37
C GLU B 261 16.56 -14.90 4.51
N TRP B 262 16.64 -13.71 5.09
CA TRP B 262 17.56 -13.42 6.16
C TRP B 262 17.24 -14.26 7.39
N LEU B 263 15.95 -14.38 7.70
CA LEU B 263 15.53 -15.20 8.84
C LEU B 263 15.95 -16.65 8.69
N LYS B 264 15.82 -17.22 7.49
CA LYS B 264 16.30 -18.58 7.27
C LYS B 264 17.79 -18.69 7.57
N GLU B 265 18.57 -17.72 7.08
CA GLU B 265 20.02 -17.69 7.29
C GLU B 265 20.36 -17.59 8.78
N GLN B 266 19.45 -17.07 9.58
CA GLN B 266 19.74 -16.84 10.99
C GLN B 266 19.30 -18.02 11.87
N GLY B 267 18.76 -19.06 11.26
CA GLY B 267 18.32 -20.24 12.00
C GLY B 267 16.81 -20.26 12.13
N GLY B 268 16.16 -19.33 11.46
CA GLY B 268 14.72 -19.27 11.46
C GLY B 268 14.10 -18.94 12.81
N VAL B 269 12.87 -19.40 12.97
CA VAL B 269 12.01 -18.99 14.06
C VAL B 269 12.37 -19.63 15.42
N THR B 270 12.92 -20.83 15.42
CA THR B 270 13.40 -21.42 16.68
C THR B 270 14.59 -20.60 17.20
N ALA B 271 15.50 -20.26 16.31
CA ALA B 271 16.60 -19.37 16.65
C ALA B 271 16.14 -17.98 17.11
N MET B 272 15.04 -17.48 16.54
CA MET B 272 14.51 -16.19 16.97
C MET B 272 13.98 -16.27 18.42
N GLU B 273 13.30 -17.37 18.71
CA GLU B 273 12.80 -17.63 20.04
C GLU B 273 13.94 -17.61 21.07
N GLN B 274 15.03 -18.35 20.80
CA GLN B 274 16.15 -18.38 21.73
C GLN B 274 16.71 -16.96 21.96
N ARG B 275 16.90 -16.21 20.88
CA ARG B 275 17.43 -14.84 20.98
C ARG B 275 16.48 -13.88 21.69
N ASN B 276 15.20 -13.92 21.35
CA ASN B 276 14.25 -13.01 21.95
C ASN B 276 13.99 -13.28 23.43
N ARG B 277 13.96 -14.55 23.82
CA ARG B 277 13.80 -14.89 25.23
C ARG B 277 14.96 -14.28 26.02
N ALA B 278 16.15 -14.35 25.45
CA ALA B 278 17.34 -13.76 26.08
C ALA B 278 17.17 -12.26 26.27
N LYS B 279 16.77 -11.57 25.21
CA LYS B 279 16.67 -10.13 25.24
C LYS B 279 15.58 -9.70 26.23
N LYS B 280 14.39 -10.25 26.03
CA LYS B 280 13.28 -10.11 26.98
C LYS B 280 13.73 -10.34 28.44
N ASP B 281 14.28 -11.52 28.73
CA ASP B 281 14.65 -11.87 30.10
C ASP B 281 15.70 -10.91 30.67
N LEU B 282 16.59 -10.42 29.81
CA LEU B 282 17.69 -9.55 30.27
C LEU B 282 17.17 -8.19 30.71
N LEU B 283 16.33 -7.59 29.89
CA LEU B 283 15.77 -6.29 30.19
C LEU B 283 14.88 -6.38 31.43
N TYR B 284 14.06 -7.42 31.50
CA TYR B 284 13.15 -7.62 32.62
C TYR B 284 13.88 -7.89 33.94
N LYS B 285 15.04 -8.54 33.85
CA LYS B 285 15.86 -8.81 35.02
C LYS B 285 16.33 -7.50 35.63
N THR B 286 16.66 -6.55 34.76
CA THR B 286 17.13 -5.24 35.20
C THR B 286 16.05 -4.48 35.96
N ILE B 287 14.84 -4.49 35.41
CA ILE B 287 13.73 -3.72 35.97
C ILE B 287 13.25 -4.29 37.31
N ASP B 288 13.30 -5.61 37.45
CA ASP B 288 12.84 -6.29 38.68
C ASP B 288 13.93 -6.31 39.74
N ALA B 289 15.10 -5.78 39.40
CA ALA B 289 16.22 -5.76 40.31
C ALA B 289 16.07 -4.67 41.36
N SER B 290 15.64 -3.50 40.93
CA SER B 290 15.55 -2.35 41.83
C SER B 290 14.13 -1.82 41.97
N ASP B 291 14.00 -0.76 42.75
CA ASP B 291 12.75 -0.03 42.84
C ASP B 291 12.85 1.22 41.96
N PHE B 292 14.01 1.36 41.32
CA PHE B 292 14.31 2.51 40.47
C PHE B 292 13.41 2.51 39.22
N TYR B 293 13.31 1.36 38.54
CA TYR B 293 12.40 1.22 37.42
C TYR B 293 11.22 0.30 37.76
N THR B 294 10.13 0.47 37.04
CA THR B 294 8.90 -0.26 37.28
C THR B 294 8.27 -0.80 36.00
N ASN B 295 8.03 -2.12 35.96
CA ASN B 295 7.09 -2.71 35.02
C ASN B 295 6.01 -3.39 35.85
N PRO B 296 4.74 -3.03 35.57
CA PRO B 296 3.64 -3.54 36.40
C PRO B 296 3.00 -4.79 35.81
N ILE B 297 3.45 -5.19 34.63
CA ILE B 297 2.88 -6.34 33.94
C ILE B 297 3.32 -7.64 34.61
N GLN B 298 2.35 -8.45 35.01
CA GLN B 298 2.64 -9.74 35.64
C GLN B 298 3.47 -10.62 34.71
N PRO B 299 4.39 -11.41 35.28
CA PRO B 299 5.38 -12.16 34.50
C PRO B 299 4.76 -13.04 33.42
N SER B 300 3.58 -13.58 33.71
CA SER B 300 2.92 -14.49 32.79
C SER B 300 2.53 -13.83 31.47
N ALA B 301 2.32 -12.51 31.47
CA ALA B 301 1.86 -11.82 30.25
C ALA B 301 2.82 -10.74 29.77
N ARG B 302 4.00 -10.70 30.37
CA ARG B 302 5.02 -9.74 29.96
C ARG B 302 5.43 -10.01 28.52
N SER B 303 5.23 -9.02 27.68
CA SER B 303 5.62 -9.11 26.29
C SER B 303 7.12 -9.33 26.11
N TRP B 304 7.46 -10.20 25.15
CA TRP B 304 8.84 -10.37 24.73
C TRP B 304 9.27 -9.29 23.74
N MET B 305 8.30 -8.64 23.11
CA MET B 305 8.57 -7.74 21.99
C MET B 305 8.59 -6.27 22.36
N ASN B 306 7.71 -5.88 23.28
CA ASN B 306 7.61 -4.51 23.74
C ASN B 306 7.63 -4.43 25.26
N VAL B 307 8.58 -3.67 25.80
CA VAL B 307 8.83 -3.68 27.23
C VAL B 307 8.72 -2.28 27.81
N PRO B 308 7.54 -1.94 28.37
CA PRO B 308 7.36 -0.61 28.95
C PRO B 308 7.87 -0.55 30.37
N PHE B 309 8.38 0.60 30.78
CA PHE B 309 8.80 0.77 32.17
C PHE B 309 8.75 2.24 32.60
N ARG B 310 8.29 2.47 33.81
CA ARG B 310 8.16 3.83 34.33
C ARG B 310 9.34 4.19 35.23
N LEU B 311 9.60 5.48 35.39
CA LEU B 311 10.63 5.94 36.33
C LEU B 311 10.01 6.29 37.67
N ALA B 312 10.65 5.83 38.75
CA ALA B 312 10.21 6.11 40.11
C ALA B 312 9.90 7.58 40.31
N ASP B 313 10.78 8.43 39.78
CA ASP B 313 10.52 9.86 39.69
C ASP B 313 10.33 10.24 38.23
N GLU B 314 9.07 10.37 37.81
CA GLU B 314 8.74 10.71 36.43
C GLU B 314 9.34 12.09 36.08
N ARG B 315 9.66 12.88 37.09
CA ARG B 315 10.29 14.17 36.89
C ARG B 315 11.78 14.01 36.53
N LEU B 316 12.24 12.77 36.48
CA LEU B 316 13.61 12.47 36.07
C LEU B 316 13.65 11.76 34.71
N ASP B 317 12.52 11.79 34.00
CA ASP B 317 12.40 11.13 32.70
C ASP B 317 13.19 11.86 31.61
N LYS B 318 13.32 13.18 31.74
CA LYS B 318 14.06 13.96 30.74
C LYS B 318 15.54 13.57 30.67
N PRO B 319 16.22 13.40 31.83
CA PRO B 319 17.61 12.92 31.77
C PRO B 319 17.76 11.42 31.46
N PHE B 320 16.67 10.66 31.54
CA PHE B 320 16.72 9.27 31.07
C PHE B 320 16.91 9.28 29.57
N LEU B 321 16.11 10.12 28.90
CA LEU B 321 16.11 10.20 27.44
C LEU B 321 17.37 10.82 26.90
N GLU B 322 17.80 11.93 27.50
CA GLU B 322 18.99 12.65 27.08
C GLU B 322 20.20 11.70 27.08
N GLY B 323 20.48 11.08 28.21
CA GLY B 323 21.60 10.15 28.33
C GLY B 323 21.45 8.91 27.48
N ALA B 324 20.26 8.73 26.90
CA ALA B 324 20.01 7.65 25.97
C ALA B 324 20.25 8.10 24.53
N GLU B 325 19.81 9.31 24.19
CA GLU B 325 20.09 9.89 22.88
C GLU B 325 21.60 10.13 22.81
N ALA B 326 22.21 10.36 23.97
CA ALA B 326 23.65 10.56 24.08
C ALA B 326 24.38 9.30 23.66
N ARG B 327 24.15 8.21 24.39
CA ARG B 327 24.65 6.90 23.98
C ARG B 327 23.91 6.47 22.72
N GLY B 328 24.10 5.22 22.31
CA GLY B 328 23.47 4.74 21.09
C GLY B 328 21.96 4.51 21.17
N LEU B 329 21.44 4.40 22.39
CA LEU B 329 20.07 3.96 22.64
C LEU B 329 18.99 4.99 22.29
N LEU B 330 18.31 4.79 21.16
CA LEU B 330 17.33 5.75 20.66
C LEU B 330 15.88 5.24 20.76
N ASN B 331 14.94 6.17 20.68
CA ASN B 331 13.49 5.87 20.58
C ASN B 331 12.89 5.14 21.77
N LEU B 332 13.29 5.52 22.98
CA LEU B 332 12.84 4.82 24.19
C LEU B 332 11.64 5.47 24.87
N LYS B 333 11.21 6.63 24.37
CA LYS B 333 10.06 7.32 24.94
C LYS B 333 8.78 6.55 24.67
N GLY B 334 7.82 6.64 25.58
CA GLY B 334 6.59 5.88 25.48
C GLY B 334 5.48 6.59 24.73
N HIS B 335 4.46 5.83 24.35
CA HIS B 335 3.29 6.37 23.64
C HIS B 335 2.72 7.59 24.37
N ARG B 336 2.10 8.49 23.62
CA ARG B 336 1.49 9.69 24.19
C ARG B 336 0.48 9.32 25.27
N SER B 337 -0.28 8.26 25.01
CA SER B 337 -1.31 7.79 25.93
C SER B 337 -0.75 7.00 27.10
N VAL B 338 0.44 6.42 26.91
CA VAL B 338 1.04 5.57 27.91
C VAL B 338 1.58 6.38 29.09
N GLY B 339 2.66 7.13 28.86
CA GLY B 339 3.31 7.88 29.92
C GLY B 339 4.45 7.10 30.55
N GLY B 340 5.67 7.37 30.08
CA GLY B 340 6.84 6.65 30.57
C GLY B 340 7.80 6.27 29.45
N MET B 341 8.45 5.13 29.59
CA MET B 341 9.38 4.61 28.58
C MET B 341 8.88 3.29 27.97
N ARG B 342 9.46 2.90 26.84
CA ARG B 342 9.22 1.59 26.24
C ARG B 342 10.35 1.18 25.31
N ALA B 343 10.80 -0.07 25.43
CA ALA B 343 11.78 -0.62 24.52
C ALA B 343 11.16 -1.73 23.68
N SER B 344 11.38 -1.67 22.37
CA SER B 344 10.87 -2.68 21.47
C SER B 344 12.01 -3.56 20.98
N ILE B 345 11.99 -4.83 21.35
CA ILE B 345 13.12 -5.70 21.04
C ILE B 345 12.75 -6.75 20.00
N TYR B 346 12.47 -6.26 18.79
CA TYR B 346 12.06 -7.09 17.67
C TYR B 346 13.24 -7.92 17.14
N ASN B 347 12.98 -8.73 16.11
CA ASN B 347 13.94 -9.74 15.65
C ASN B 347 15.29 -9.18 15.20
N ALA B 348 15.25 -8.04 14.53
CA ALA B 348 16.44 -7.45 13.91
C ALA B 348 17.40 -6.82 14.94
N LEU B 349 16.88 -6.57 16.13
CA LEU B 349 17.69 -6.08 17.25
C LEU B 349 18.45 -7.23 17.90
N GLY B 350 19.77 -7.11 17.98
CA GLY B 350 20.58 -8.16 18.60
C GLY B 350 20.67 -7.99 20.10
N LEU B 351 21.21 -9.00 20.78
CA LEU B 351 21.42 -8.96 22.23
C LEU B 351 22.28 -7.76 22.64
N ASP B 352 23.21 -7.38 21.77
CA ASP B 352 24.12 -6.26 22.07
C ASP B 352 23.37 -4.96 22.34
N ALA B 353 22.19 -4.82 21.76
CA ALA B 353 21.36 -3.63 21.96
C ALA B 353 20.79 -3.61 23.38
N VAL B 354 20.21 -4.73 23.81
CA VAL B 354 19.70 -4.85 25.17
C VAL B 354 20.86 -4.79 26.17
N GLU B 355 22.00 -5.36 25.79
CA GLU B 355 23.22 -5.26 26.58
C GLU B 355 23.56 -3.79 26.76
N ALA B 356 23.60 -3.06 25.65
CA ALA B 356 23.88 -1.63 25.66
C ALA B 356 22.89 -0.85 26.55
N LEU B 357 21.63 -1.27 26.52
CA LEU B 357 20.56 -0.55 27.22
C LEU B 357 20.62 -0.69 28.74
N VAL B 358 20.73 -1.92 29.23
CA VAL B 358 20.72 -2.19 30.66
C VAL B 358 21.86 -1.44 31.37
N ALA B 359 22.95 -1.21 30.64
CA ALA B 359 24.09 -0.46 31.16
C ALA B 359 23.72 0.99 31.52
N TYR B 360 23.24 1.74 30.53
CA TYR B 360 22.88 3.14 30.77
C TYR B 360 21.62 3.23 31.63
C FMT C . 21.20 1.33 11.08
O1 FMT C . 21.58 0.61 10.15
O2 FMT C . 20.07 1.83 11.14
C FMT D . -2.64 13.26 -33.15
O1 FMT D . -1.66 12.73 -33.67
O2 FMT D . -2.66 13.85 -32.05
C FMT E . -8.49 -23.30 18.77
O1 FMT E . -7.34 -23.23 18.31
O2 FMT E . -9.08 -22.42 19.42
N GLU F . 19.45 2.60 -14.20
CA GLU F . 18.28 2.78 -15.05
C GLU F . 16.98 2.68 -14.23
O GLU F . 16.21 3.66 -14.16
CB GLU F . 18.32 1.74 -16.18
CG GLU F . 19.39 2.10 -17.21
CD GLU F . 19.11 1.43 -18.55
OE1 GLU F . 18.79 2.12 -19.55
OE2 GLU F . 19.20 0.17 -18.67
OXT GLU F . 16.65 1.62 -13.63
#